data_5EV8
#
_entry.id   5EV8
#
_cell.length_a   48.560
_cell.length_b   77.713
_cell.length_c   261.638
_cell.angle_alpha   90.00
_cell.angle_beta   90.00
_cell.angle_gamma   90.00
#
_symmetry.space_group_name_H-M   'P 21 21 21'
#
loop_
_entity.id
_entity.type
_entity.pdbx_description
1 polymer 'Beta-lactamase IMP-1'
2 non-polymer 'ZINC ION'
3 non-polymer '(3S,5S,7aR)-5-(sulfanylmethyl)tetrahydro[1,3]thiazolo[4,3-b][1,3]thiazole-3-carboxylic acid'
4 non-polymer 1,2-ETHANEDIOL
5 non-polymer 'DIMETHYL SULFOXIDE'
6 non-polymer 'SODIUM ION'
7 non-polymer 'CHLORIDE ION'
8 water water
#
_entity_poly.entity_id   1
_entity_poly.type   'polypeptide(L)'
_entity_poly.pdbx_seq_one_letter_code
;GPAESLPDLKIEKLDEGVYVHTSFEEVNGWGVVPKHGLVVLVNAEAYLIDTPFTAKDTEKLVTWFVERGYKIKGSISSHF
HSDSTGGIEWLNSRSIPTYASELTNELLKKDGKVQATNSFSGVNYWLVKNKIEVFYPGPGHTPDNVVVWLPERKILFGGC
FIKPYGLGNLGDANIEAWPKSAKLLKSKYGKAKLVVPSHSEVGDASLLKLTLEQAVKGLNESKKPSKPSN
;
_entity_poly.pdbx_strand_id   A,B,C,D
#
loop_
_chem_comp.id
_chem_comp.type
_chem_comp.name
_chem_comp.formula
3R9 non-polymer '(3S,5S,7aR)-5-(sulfanylmethyl)tetrahydro[1,3]thiazolo[4,3-b][1,3]thiazole-3-carboxylic acid' 'C7 H11 N O2 S3'
CL non-polymer 'CHLORIDE ION' 'Cl -1'
DMS non-polymer 'DIMETHYL SULFOXIDE' 'C2 H6 O S'
EDO non-polymer 1,2-ETHANEDIOL 'C2 H6 O2'
NA non-polymer 'SODIUM ION' 'Na 1'
ZN non-polymer 'ZINC ION' 'Zn 2'
#
# COMPACT_ATOMS: atom_id res chain seq x y z
N SER A 5 5.58 21.34 -8.25
CA SER A 5 4.88 20.07 -8.36
C SER A 5 5.85 18.88 -8.16
N LEU A 6 5.28 17.67 -8.07
CA LEU A 6 6.09 16.48 -7.78
C LEU A 6 6.87 15.98 -8.98
N PRO A 7 8.06 15.40 -8.75
CA PRO A 7 8.82 14.83 -9.87
C PRO A 7 8.03 13.74 -10.61
N ASP A 8 8.28 13.60 -11.90
CA ASP A 8 7.65 12.56 -12.70
C ASP A 8 8.19 11.19 -12.28
N LEU A 9 7.41 10.14 -12.53
CA LEU A 9 7.90 8.77 -12.42
C LEU A 9 9.24 8.59 -13.19
N LYS A 10 10.23 7.96 -12.56
CA LYS A 10 11.51 7.68 -13.21
C LYS A 10 11.68 6.18 -13.39
N ILE A 11 12.23 5.78 -14.55
CA ILE A 11 12.55 4.37 -14.82
C ILE A 11 14.00 4.27 -15.30
N GLU A 12 14.82 3.52 -14.57
CA GLU A 12 16.25 3.42 -14.84
C GLU A 12 16.76 2.00 -14.83
N LYS A 13 17.56 1.64 -15.83
CA LYS A 13 18.16 0.32 -15.85
C LYS A 13 19.12 0.19 -14.69
N LEU A 14 19.09 -0.95 -14.02
CA LEU A 14 19.96 -1.20 -12.88
C LEU A 14 20.91 -2.33 -13.20
N ASP A 15 20.45 -3.23 -14.06
CA ASP A 15 21.17 -4.44 -14.39
C ASP A 15 20.41 -5.12 -15.53
N GLU A 16 20.97 -6.18 -16.08
CA GLU A 16 20.32 -6.87 -17.19
C GLU A 16 18.95 -7.42 -16.77
N GLY A 17 17.91 -6.99 -17.46
CA GLY A 17 16.56 -7.41 -17.18
C GLY A 17 16.02 -6.91 -15.84
N VAL A 18 16.66 -5.89 -15.28
CA VAL A 18 16.23 -5.31 -14.01
C VAL A 18 16.22 -3.78 -14.02
N TYR A 19 15.03 -3.19 -13.81
CA TYR A 19 14.89 -1.74 -13.78
C TYR A 19 14.38 -1.25 -12.44
N VAL A 20 14.78 -0.05 -12.06
CA VAL A 20 14.29 0.60 -10.86
C VAL A 20 13.24 1.66 -11.24
N HIS A 21 12.05 1.58 -10.65
CA HIS A 21 11.08 2.65 -10.82
C HIS A 21 11.06 3.50 -9.56
N THR A 22 11.00 4.82 -9.74
CA THR A 22 11.00 5.73 -8.61
C THR A 22 9.80 6.66 -8.76
N SER A 23 8.95 6.69 -7.74
CA SER A 23 7.80 7.59 -7.78
C SER A 23 7.87 8.49 -6.55
N PHE A 24 7.08 9.55 -6.54
CA PHE A 24 7.22 10.58 -5.54
C PHE A 24 5.88 10.96 -4.99
N GLU A 25 5.84 11.17 -3.69
CA GLU A 25 4.60 11.55 -3.07
C GLU A 25 4.87 12.58 -1.98
N GLU A 26 3.95 13.53 -1.80
CA GLU A 26 4.07 14.43 -0.68
C GLU A 26 3.40 13.76 0.51
N VAL A 27 4.16 13.54 1.57
CA VAL A 27 3.61 12.91 2.75
C VAL A 27 3.68 13.88 3.92
N ASN A 28 2.58 14.00 4.67
CA ASN A 28 2.54 14.91 5.80
C ASN A 28 3.60 14.61 6.83
N GLY A 29 4.40 15.61 7.14
CA GLY A 29 5.45 15.50 8.12
C GLY A 29 6.71 14.86 7.56
N TRP A 30 6.71 14.56 6.27
CA TRP A 30 7.90 13.97 5.67
C TRP A 30 8.40 14.76 4.46
N GLY A 31 7.53 15.60 3.92
CA GLY A 31 7.87 16.31 2.70
C GLY A 31 7.79 15.32 1.54
N VAL A 32 8.59 15.57 0.52
CA VAL A 32 8.57 14.74 -0.68
C VAL A 32 9.36 13.46 -0.44
N VAL A 33 8.65 12.33 -0.57
CA VAL A 33 9.23 11.02 -0.33
C VAL A 33 9.44 10.28 -1.64
N PRO A 34 10.69 9.89 -1.92
CA PRO A 34 10.92 9.04 -3.09
C PRO A 34 10.61 7.57 -2.73
N LYS A 35 10.10 6.78 -3.68
CA LYS A 35 9.89 5.35 -3.42
C LYS A 35 10.41 4.52 -4.57
N HIS A 36 11.39 3.66 -4.29
CA HIS A 36 11.93 2.76 -5.32
C HIS A 36 11.24 1.39 -5.29
N GLY A 37 10.96 0.88 -6.48
CA GLY A 37 10.60 -0.50 -6.67
C GLY A 37 11.38 -0.97 -7.88
N LEU A 38 11.15 -2.21 -8.28
CA LEU A 38 11.83 -2.76 -9.45
C LEU A 38 10.82 -3.19 -10.49
N VAL A 39 11.27 -3.28 -11.74
CA VAL A 39 10.55 -4.06 -12.73
C VAL A 39 11.55 -5.13 -13.15
N VAL A 40 11.14 -6.39 -13.03
CA VAL A 40 12.00 -7.49 -13.37
C VAL A 40 11.52 -8.17 -14.65
N LEU A 41 12.44 -8.32 -15.59
CA LEU A 41 12.14 -8.93 -16.88
C LEU A 41 12.61 -10.38 -16.93
N VAL A 42 11.69 -11.29 -17.23
CA VAL A 42 12.03 -12.69 -17.41
C VAL A 42 11.57 -13.09 -18.79
N ASN A 43 12.54 -13.31 -19.68
CA ASN A 43 12.25 -13.44 -21.09
C ASN A 43 11.53 -12.17 -21.54
N ALA A 44 10.34 -12.35 -22.14
CA ALA A 44 9.56 -11.19 -22.59
C ALA A 44 8.42 -10.90 -21.62
N GLU A 45 8.56 -11.32 -20.37
CA GLU A 45 7.54 -11.02 -19.38
C GLU A 45 8.07 -10.12 -18.26
N ALA A 46 7.23 -9.19 -17.81
CA ALA A 46 7.63 -8.23 -16.77
C ALA A 46 6.89 -8.46 -15.43
N TYR A 47 7.62 -8.27 -14.33
CA TYR A 47 7.07 -8.38 -12.99
C TYR A 47 7.29 -7.09 -12.22
N LEU A 48 6.22 -6.52 -11.68
CA LEU A 48 6.35 -5.36 -10.80
C LEU A 48 6.71 -5.77 -9.38
N ILE A 49 7.84 -5.27 -8.89
CA ILE A 49 8.17 -5.45 -7.48
C ILE A 49 7.82 -4.17 -6.76
N ASP A 50 6.69 -4.19 -6.08
CA ASP A 50 6.06 -3.01 -5.50
C ASP A 50 5.47 -2.14 -6.62
N THR A 51 4.31 -1.56 -6.33
CA THR A 51 3.67 -0.60 -7.21
C THR A 51 4.10 0.81 -6.76
N PRO A 52 4.08 1.77 -7.69
CA PRO A 52 4.21 3.19 -7.34
C PRO A 52 3.13 3.60 -6.33
N PHE A 53 3.25 4.79 -5.75
CA PHE A 53 2.24 5.28 -4.81
C PHE A 53 0.82 5.28 -5.38
N THR A 54 0.71 5.69 -6.64
CA THR A 54 -0.60 5.98 -7.24
C THR A 54 -0.98 5.11 -8.42
N ALA A 55 -2.28 5.07 -8.73
CA ALA A 55 -2.77 4.41 -9.95
C ALA A 55 -2.18 5.08 -11.19
N LYS A 56 -2.07 6.41 -11.15
CA LYS A 56 -1.51 7.16 -12.28
C LYS A 56 -0.10 6.71 -12.62
N ASP A 57 0.78 6.64 -11.62
CA ASP A 57 2.16 6.22 -11.89
C ASP A 57 2.25 4.73 -12.24
N THR A 58 1.37 3.92 -11.64
CA THR A 58 1.32 2.51 -11.97
C THR A 58 0.95 2.33 -13.45
N GLU A 59 -0.04 3.10 -13.90
CA GLU A 59 -0.45 3.01 -15.29
C GLU A 59 0.70 3.41 -16.22
N LYS A 60 1.38 4.50 -15.88
CA LYS A 60 2.52 4.97 -16.66
C LYS A 60 3.62 3.92 -16.72
N LEU A 61 3.90 3.30 -15.56
CA LEU A 61 4.94 2.28 -15.47
C LEU A 61 4.55 1.12 -16.41
N VAL A 62 3.31 0.65 -16.29
CA VAL A 62 2.85 -0.45 -17.12
C VAL A 62 2.93 -0.15 -18.62
N THR A 63 2.39 1.00 -19.03
CA THR A 63 2.39 1.35 -20.46
C THR A 63 3.84 1.44 -20.99
N TRP A 64 4.76 1.97 -20.20
CA TRP A 64 6.15 2.07 -20.64
C TRP A 64 6.70 0.69 -21.05
N PHE A 65 6.43 -0.33 -20.25
CA PHE A 65 6.95 -1.65 -20.54
C PHE A 65 6.09 -2.36 -21.60
N VAL A 66 4.79 -2.12 -21.60
CA VAL A 66 3.93 -2.70 -22.63
C VAL A 66 4.27 -2.15 -24.01
N GLU A 67 4.56 -0.84 -24.09
CA GLU A 67 4.89 -0.19 -25.38
C GLU A 67 6.22 -0.69 -25.92
N ARG A 68 7.00 -1.32 -25.04
CA ARG A 68 8.28 -1.89 -25.42
C ARG A 68 8.25 -3.42 -25.52
N GLY A 69 7.04 -3.97 -25.62
CA GLY A 69 6.86 -5.39 -25.88
C GLY A 69 6.94 -6.33 -24.70
N TYR A 70 6.67 -5.84 -23.48
CA TYR A 70 6.66 -6.74 -22.33
C TYR A 70 5.26 -6.96 -21.81
N LYS A 71 4.89 -8.22 -21.65
CA LYS A 71 3.63 -8.53 -20.99
C LYS A 71 3.83 -8.41 -19.48
N ILE A 72 2.89 -7.74 -18.81
CA ILE A 72 2.94 -7.64 -17.36
C ILE A 72 2.29 -8.87 -16.76
N LYS A 73 3.11 -9.79 -16.26
CA LYS A 73 2.59 -11.04 -15.74
C LYS A 73 2.07 -10.86 -14.32
N GLY A 74 2.68 -9.94 -13.57
CA GLY A 74 2.19 -9.72 -12.22
C GLY A 74 2.95 -8.67 -11.45
N SER A 75 2.41 -8.34 -10.28
CA SER A 75 3.08 -7.48 -9.32
C SER A 75 3.07 -8.16 -7.98
N ILE A 76 4.09 -7.87 -7.18
CA ILE A 76 4.11 -8.33 -5.80
C ILE A 76 4.37 -7.13 -4.90
N SER A 77 3.67 -7.06 -3.77
CA SER A 77 3.84 -5.96 -2.85
C SER A 77 4.57 -6.46 -1.64
N SER A 78 5.59 -5.72 -1.24
CA SER A 78 6.51 -6.13 -0.16
C SER A 78 5.95 -5.90 1.24
N HIS A 79 5.01 -4.95 1.37
CA HIS A 79 4.25 -4.79 2.61
C HIS A 79 3.00 -3.95 2.32
N PHE A 80 2.19 -3.66 3.34
CA PHE A 80 0.83 -3.15 3.08
C PHE A 80 0.75 -1.62 2.86
N HIS A 81 1.76 -0.85 3.29
CA HIS A 81 1.72 0.61 3.09
C HIS A 81 1.51 0.95 1.62
N SER A 82 0.80 2.05 1.39
CA SER A 82 0.39 2.44 0.04
C SER A 82 1.61 2.67 -0.88
N ASP A 83 2.77 2.98 -0.31
CA ASP A 83 3.99 3.13 -1.09
CA ASP A 83 3.94 3.15 -1.16
C ASP A 83 4.34 1.84 -1.86
N SER A 84 3.77 0.70 -1.43
CA SER A 84 4.03 -0.61 -2.07
C SER A 84 2.81 -1.19 -2.78
N THR A 85 1.62 -0.75 -2.34
CA THR A 85 0.36 -1.33 -2.78
C THR A 85 -0.57 -0.33 -3.47
N GLY A 86 -0.12 0.92 -3.64
CA GLY A 86 -0.99 1.97 -4.16
C GLY A 86 -1.64 1.64 -5.49
N GLY A 87 -0.94 0.89 -6.33
CA GLY A 87 -1.43 0.55 -7.66
C GLY A 87 -2.19 -0.77 -7.80
N ILE A 88 -2.42 -1.48 -6.70
CA ILE A 88 -3.05 -2.80 -6.78
C ILE A 88 -4.50 -2.71 -7.34
N GLU A 89 -5.29 -1.79 -6.80
CA GLU A 89 -6.65 -1.57 -7.29
C GLU A 89 -6.64 -1.34 -8.82
N TRP A 90 -5.76 -0.47 -9.32
CA TRP A 90 -5.71 -0.24 -10.76
C TRP A 90 -5.28 -1.53 -11.50
N LEU A 91 -4.26 -2.24 -11.00
CA LEU A 91 -3.84 -3.48 -11.67
C LEU A 91 -4.98 -4.53 -11.71
N ASN A 92 -5.69 -4.66 -10.62
CA ASN A 92 -6.83 -5.59 -10.57
C ASN A 92 -7.87 -5.23 -11.65
N SER A 93 -8.15 -3.95 -11.80
CA SER A 93 -9.13 -3.50 -12.78
C SER A 93 -8.63 -3.75 -14.19
N ARG A 94 -7.34 -4.06 -14.35
CA ARG A 94 -6.85 -4.44 -15.69
C ARG A 94 -6.61 -5.95 -15.80
N SER A 95 -7.07 -6.69 -14.80
CA SER A 95 -6.84 -8.13 -14.77
C SER A 95 -5.36 -8.48 -14.80
N ILE A 96 -4.52 -7.62 -14.23
CA ILE A 96 -3.15 -8.02 -14.05
C ILE A 96 -3.04 -8.60 -12.65
N PRO A 97 -2.59 -9.88 -12.55
CA PRO A 97 -2.50 -10.59 -11.27
C PRO A 97 -1.66 -9.82 -10.23
N THR A 98 -2.23 -9.63 -9.03
CA THR A 98 -1.49 -9.00 -7.95
C THR A 98 -1.19 -10.00 -6.81
N TYR A 99 0.01 -9.90 -6.22
CA TYR A 99 0.45 -10.82 -5.16
C TYR A 99 0.82 -10.07 -3.89
N ALA A 100 0.47 -10.65 -2.75
CA ALA A 100 0.93 -10.14 -1.47
C ALA A 100 0.86 -11.31 -0.51
N SER A 101 1.59 -11.24 0.60
CA SER A 101 1.49 -12.29 1.59
C SER A 101 0.10 -12.26 2.21
N GLU A 102 -0.28 -13.38 2.79
CA GLU A 102 -1.53 -13.50 3.50
C GLU A 102 -1.66 -12.38 4.55
N LEU A 103 -0.61 -12.14 5.30
CA LEU A 103 -0.65 -11.12 6.33
C LEU A 103 -0.80 -9.72 5.70
N THR A 104 -0.07 -9.47 4.63
CA THR A 104 -0.22 -8.18 3.95
C THR A 104 -1.69 -7.99 3.54
N ASN A 105 -2.28 -9.03 2.95
CA ASN A 105 -3.68 -8.92 2.54
C ASN A 105 -4.65 -8.76 3.70
N GLU A 106 -4.37 -9.40 4.83
CA GLU A 106 -5.20 -9.20 6.01
C GLU A 106 -5.10 -7.75 6.47
N LEU A 107 -3.88 -7.19 6.46
CA LEU A 107 -3.68 -5.81 6.85
C LEU A 107 -4.34 -4.81 5.88
N LEU A 108 -4.28 -5.09 4.59
CA LEU A 108 -5.01 -4.26 3.61
C LEU A 108 -6.51 -4.31 3.94
N LYS A 109 -7.02 -5.52 4.18
CA LYS A 109 -8.44 -5.73 4.48
C LYS A 109 -8.87 -4.99 5.76
N LYS A 110 -8.05 -5.09 6.80
CA LYS A 110 -8.31 -4.42 8.06
C LYS A 110 -8.38 -2.89 7.89
N ASP A 111 -7.54 -2.34 7.01
CA ASP A 111 -7.56 -0.90 6.72
C ASP A 111 -8.59 -0.48 5.65
N GLY A 112 -9.41 -1.41 5.20
CA GLY A 112 -10.42 -1.11 4.19
C GLY A 112 -9.85 -0.80 2.82
N LYS A 113 -8.67 -1.35 2.53
CA LYS A 113 -8.00 -1.16 1.24
C LYS A 113 -8.18 -2.37 0.32
N VAL A 114 -8.01 -2.16 -0.98
CA VAL A 114 -8.09 -3.26 -1.93
C VAL A 114 -6.93 -4.25 -1.72
N GLN A 115 -7.28 -5.52 -1.75
CA GLN A 115 -6.32 -6.59 -1.56
C GLN A 115 -5.77 -7.09 -2.88
N ALA A 116 -4.59 -7.72 -2.84
CA ALA A 116 -4.07 -8.44 -4.00
C ALA A 116 -4.95 -9.64 -4.25
N THR A 117 -4.99 -10.09 -5.51
CA THR A 117 -5.84 -11.21 -5.87
C THR A 117 -5.18 -12.56 -5.53
N ASN A 118 -3.86 -12.56 -5.32
CA ASN A 118 -3.15 -13.80 -4.96
C ASN A 118 -2.36 -13.63 -3.66
N SER A 119 -2.45 -14.61 -2.77
CA SER A 119 -1.66 -14.53 -1.54
C SER A 119 -0.78 -15.76 -1.35
N PHE A 120 0.29 -15.59 -0.58
CA PHE A 120 1.19 -16.66 -0.25
C PHE A 120 1.45 -16.58 1.24
N SER A 121 1.74 -17.72 1.87
CA SER A 121 2.20 -17.66 3.25
C SER A 121 3.41 -18.56 3.40
N GLY A 122 4.20 -18.33 4.44
CA GLY A 122 5.41 -19.10 4.67
C GLY A 122 6.64 -18.24 4.50
N VAL A 123 7.79 -18.80 4.80
CA VAL A 123 8.98 -18.00 4.91
C VAL A 123 9.56 -17.72 3.53
N ASN A 124 9.42 -18.69 2.64
CA ASN A 124 9.91 -18.57 1.29
C ASN A 124 8.79 -18.80 0.29
N TYR A 125 8.90 -18.14 -0.84
CA TYR A 125 7.94 -18.30 -1.91
C TYR A 125 8.62 -17.92 -3.21
N TRP A 126 8.47 -18.77 -4.22
CA TRP A 126 8.89 -18.38 -5.57
C TRP A 126 7.76 -17.71 -6.33
N LEU A 127 7.90 -16.42 -6.62
CA LEU A 127 6.96 -15.78 -7.53
C LEU A 127 7.21 -16.36 -8.93
N VAL A 128 8.48 -16.54 -9.27
CA VAL A 128 8.91 -17.19 -10.50
C VAL A 128 10.05 -18.12 -10.14
N LYS A 129 9.85 -19.42 -10.34
CA LYS A 129 10.82 -20.41 -9.88
C LYS A 129 12.23 -20.13 -10.43
N ASN A 130 13.21 -20.11 -9.53
CA ASN A 130 14.61 -19.86 -9.88
C ASN A 130 14.90 -18.45 -10.38
N LYS A 131 13.92 -17.55 -10.36
CA LYS A 131 14.15 -16.20 -10.89
C LYS A 131 13.79 -15.09 -9.87
N ILE A 132 12.62 -15.21 -9.25
CA ILE A 132 12.13 -14.20 -8.31
C ILE A 132 11.65 -14.88 -7.04
N GLU A 133 12.38 -14.67 -5.96
CA GLU A 133 12.10 -15.35 -4.70
C GLU A 133 11.65 -14.32 -3.67
N VAL A 134 10.71 -14.70 -2.82
CA VAL A 134 10.20 -13.82 -1.78
C VAL A 134 10.58 -14.37 -0.44
N PHE A 135 11.03 -13.51 0.47
CA PHE A 135 11.51 -14.00 1.76
C PHE A 135 10.99 -13.16 2.91
N TYR A 136 10.50 -13.82 3.93
CA TYR A 136 10.04 -13.16 5.13
C TYR A 136 11.09 -13.26 6.25
N PRO A 137 11.77 -12.16 6.58
CA PRO A 137 12.80 -12.18 7.63
C PRO A 137 12.22 -12.02 9.04
N GLY A 138 10.94 -11.67 9.17
CA GLY A 138 10.38 -11.40 10.47
C GLY A 138 9.95 -9.95 10.56
N PRO A 139 9.25 -9.59 11.65
CA PRO A 139 8.83 -8.19 11.75
C PRO A 139 10.02 -7.26 11.79
N GLY A 140 9.79 -6.05 11.26
CA GLY A 140 10.78 -4.98 11.25
C GLY A 140 10.06 -3.66 11.06
N HIS A 141 10.24 -3.04 9.89
CA HIS A 141 9.48 -1.85 9.52
C HIS A 141 7.96 -2.03 9.70
N THR A 142 7.44 -3.21 9.35
CA THR A 142 6.03 -3.56 9.63
C THR A 142 6.01 -5.04 9.96
N PRO A 143 4.89 -5.57 10.50
CA PRO A 143 4.86 -7.00 10.81
C PRO A 143 4.96 -7.87 9.55
N ASP A 144 4.55 -7.32 8.41
CA ASP A 144 4.44 -8.11 7.19
C ASP A 144 5.57 -7.94 6.19
N ASN A 145 6.58 -7.11 6.47
CA ASN A 145 7.56 -6.82 5.42
C ASN A 145 8.24 -8.06 4.87
N VAL A 146 8.33 -8.13 3.54
CA VAL A 146 9.06 -9.22 2.90
C VAL A 146 10.09 -8.61 1.97
N VAL A 147 11.08 -9.40 1.58
CA VAL A 147 12.08 -8.91 0.65
C VAL A 147 12.00 -9.77 -0.60
N VAL A 148 12.60 -9.29 -1.68
CA VAL A 148 12.56 -10.01 -2.95
C VAL A 148 13.98 -10.22 -3.47
N TRP A 149 14.28 -11.46 -3.84
CA TRP A 149 15.64 -11.88 -4.20
C TRP A 149 15.68 -12.35 -5.64
N LEU A 150 16.66 -11.82 -6.39
CA LEU A 150 16.91 -12.24 -7.77
C LEU A 150 18.23 -13.03 -7.85
N PRO A 151 18.17 -14.36 -7.72
CA PRO A 151 19.40 -15.16 -7.66
C PRO A 151 20.33 -15.00 -8.88
N GLU A 152 19.77 -14.89 -10.08
CA GLU A 152 20.59 -14.78 -11.29
C GLU A 152 21.41 -13.48 -11.35
N ARG A 153 20.98 -12.45 -10.64
CA ARG A 153 21.68 -11.18 -10.67
C ARG A 153 22.27 -10.85 -9.31
N LYS A 154 21.95 -11.69 -8.33
CA LYS A 154 22.33 -11.44 -6.93
C LYS A 154 21.86 -10.06 -6.45
N ILE A 155 20.65 -9.68 -6.84
CA ILE A 155 20.06 -8.42 -6.40
C ILE A 155 19.00 -8.63 -5.33
N LEU A 156 19.06 -7.86 -4.27
CA LEU A 156 18.09 -7.96 -3.20
C LEU A 156 17.27 -6.68 -3.11
N PHE A 157 15.95 -6.78 -3.30
CA PHE A 157 15.07 -5.65 -3.02
C PHE A 157 14.62 -5.73 -1.57
N GLY A 158 15.11 -4.80 -0.75
CA GLY A 158 14.84 -4.83 0.68
C GLY A 158 13.65 -4.00 1.10
N GLY A 159 13.21 -3.10 0.21
CA GLY A 159 12.07 -2.26 0.52
C GLY A 159 12.24 -1.41 1.78
N CYS A 160 11.17 -1.26 2.54
CA CYS A 160 11.21 -0.36 3.70
C CYS A 160 11.81 -1.02 4.94
N PHE A 161 12.24 -2.25 4.80
CA PHE A 161 12.96 -2.94 5.85
C PHE A 161 14.39 -2.43 5.92
N ILE A 162 14.97 -2.13 4.76
CA ILE A 162 16.33 -1.62 4.68
C ILE A 162 16.42 -0.12 4.98
N LYS A 163 17.04 0.21 6.11
CA LYS A 163 17.06 1.57 6.61
C LYS A 163 18.44 1.94 7.18
N PRO A 164 19.42 2.14 6.29
CA PRO A 164 20.82 2.35 6.69
C PRO A 164 21.08 3.65 7.48
N TYR A 165 20.30 4.70 7.27
CA TYR A 165 20.59 5.98 7.92
C TYR A 165 19.53 6.34 8.98
N GLY A 166 18.92 5.34 9.60
CA GLY A 166 17.83 5.62 10.53
C GLY A 166 16.54 4.89 10.14
N LEU A 167 15.76 4.50 11.14
CA LEU A 167 14.62 3.61 10.92
C LEU A 167 13.37 4.23 10.28
N GLY A 168 13.32 5.56 10.19
CA GLY A 168 12.15 6.21 9.61
C GLY A 168 10.89 6.09 10.44
N ASN A 169 9.74 6.00 9.78
CA ASN A 169 8.44 5.98 10.48
C ASN A 169 8.17 4.68 11.25
N LEU A 170 8.03 4.79 12.57
CA LEU A 170 7.89 3.62 13.43
C LEU A 170 6.44 3.30 13.77
N GLY A 171 5.49 3.94 13.10
CA GLY A 171 4.07 3.74 13.39
C GLY A 171 3.58 2.30 13.42
N ASP A 172 4.08 1.47 12.50
CA ASP A 172 3.69 0.07 12.44
C ASP A 172 4.89 -0.85 12.68
N ALA A 173 5.99 -0.30 13.15
CA ALA A 173 7.20 -1.11 13.26
C ALA A 173 7.14 -1.98 14.49
N ASN A 174 7.98 -3.01 14.50
CA ASN A 174 8.20 -3.85 15.65
C ASN A 174 9.68 -3.70 16.02
N ILE A 175 9.94 -2.74 16.89
CA ILE A 175 11.28 -2.35 17.24
C ILE A 175 11.99 -3.47 18.01
N GLU A 176 11.20 -4.24 18.76
CA GLU A 176 11.69 -5.39 19.53
C GLU A 176 12.24 -6.51 18.64
N ALA A 177 11.63 -6.68 17.47
CA ALA A 177 11.96 -7.80 16.61
C ALA A 177 12.96 -7.47 15.49
N TRP A 178 13.03 -6.21 15.10
CA TRP A 178 13.79 -5.79 13.92
C TRP A 178 15.25 -6.23 13.94
N PRO A 179 15.94 -6.10 15.10
CA PRO A 179 17.34 -6.54 15.13
C PRO A 179 17.45 -8.02 14.78
N LYS A 180 16.61 -8.84 15.39
CA LYS A 180 16.64 -10.26 15.05
C LYS A 180 16.32 -10.53 13.56
N SER A 181 15.27 -9.89 13.04
CA SER A 181 14.92 -10.06 11.63
C SER A 181 16.02 -9.58 10.69
N ALA A 182 16.65 -8.45 11.02
CA ALA A 182 17.72 -7.91 10.18
C ALA A 182 18.93 -8.83 10.24
N LYS A 183 19.14 -9.43 11.40
CA LYS A 183 20.26 -10.36 11.52
C LYS A 183 20.02 -11.51 10.58
N LEU A 184 18.81 -12.04 10.62
CA LEU A 184 18.43 -13.14 9.75
C LEU A 184 18.59 -12.76 8.29
N LEU A 185 18.24 -11.51 7.95
CA LEU A 185 18.35 -11.05 6.58
C LEU A 185 19.81 -11.00 6.15
N LYS A 186 20.66 -10.46 7.03
CA LYS A 186 22.10 -10.38 6.76
C LYS A 186 22.72 -11.74 6.47
N SER A 187 22.38 -12.75 7.26
CA SER A 187 22.97 -14.07 7.04
C SER A 187 22.58 -14.61 5.68
N LYS A 188 21.29 -14.55 5.35
CA LYS A 188 20.81 -15.21 4.16
C LYS A 188 21.29 -14.54 2.87
N TYR A 189 21.51 -13.22 2.90
CA TYR A 189 21.83 -12.51 1.65
C TYR A 189 23.10 -11.67 1.76
N GLY A 190 24.00 -12.08 2.66
CA GLY A 190 25.26 -11.37 2.87
C GLY A 190 26.05 -11.22 1.59
N LYS A 191 25.82 -12.13 0.65
CA LYS A 191 26.53 -12.12 -0.63
C LYS A 191 25.81 -11.31 -1.70
N ALA A 192 24.87 -10.47 -1.27
CA ALA A 192 24.16 -9.64 -2.22
C ALA A 192 25.15 -8.73 -2.98
N LYS A 193 25.01 -8.69 -4.30
CA LYS A 193 25.80 -7.78 -5.11
C LYS A 193 25.20 -6.37 -5.00
N LEU A 194 23.87 -6.29 -5.07
CA LEU A 194 23.17 -5.01 -4.92
C LEU A 194 21.96 -5.14 -3.99
N VAL A 195 21.80 -4.15 -3.13
CA VAL A 195 20.64 -4.05 -2.24
C VAL A 195 19.85 -2.78 -2.58
N VAL A 196 18.56 -2.94 -2.83
CA VAL A 196 17.72 -1.79 -3.21
C VAL A 196 16.74 -1.44 -2.10
N PRO A 197 16.99 -0.32 -1.40
CA PRO A 197 16.07 0.16 -0.38
C PRO A 197 14.93 0.95 -1.01
N SER A 198 13.88 1.20 -0.22
CA SER A 198 12.69 1.90 -0.71
C SER A 198 12.90 3.41 -0.84
N HIS A 199 13.65 3.99 0.07
CA HIS A 199 13.69 5.44 0.15
C HIS A 199 15.11 6.03 0.08
N SER A 200 16.09 5.22 -0.32
CA SER A 200 17.44 5.73 -0.49
C SER A 200 18.14 4.95 -1.60
N GLU A 201 19.38 5.34 -1.89
CA GLU A 201 20.09 4.86 -3.07
C GLU A 201 20.45 3.39 -2.99
N VAL A 202 20.60 2.76 -4.16
CA VAL A 202 21.08 1.39 -4.23
C VAL A 202 22.46 1.33 -3.62
N GLY A 203 22.71 0.30 -2.82
CA GLY A 203 24.03 0.11 -2.25
C GLY A 203 24.45 -1.34 -2.42
N ASP A 204 25.42 -1.78 -1.64
CA ASP A 204 25.77 -3.20 -1.66
C ASP A 204 25.42 -3.85 -0.33
N ALA A 205 25.92 -5.06 -0.11
CA ALA A 205 25.50 -5.87 1.02
C ALA A 205 25.71 -5.17 2.35
N SER A 206 26.51 -4.11 2.36
CA SER A 206 26.77 -3.35 3.59
C SER A 206 25.50 -2.69 4.12
N LEU A 207 24.55 -2.44 3.21
CA LEU A 207 23.26 -1.89 3.62
C LEU A 207 22.58 -2.82 4.61
N LEU A 208 22.86 -4.11 4.51
CA LEU A 208 22.33 -5.09 5.45
C LEU A 208 23.00 -4.92 6.81
N LYS A 209 24.31 -4.62 6.77
CA LYS A 209 25.07 -4.35 7.98
C LYS A 209 24.52 -3.10 8.69
N LEU A 210 24.39 -2.01 7.94
CA LEU A 210 23.91 -0.75 8.52
C LEU A 210 22.49 -0.89 9.06
N THR A 211 21.62 -1.61 8.33
CA THR A 211 20.25 -1.81 8.81
C THR A 211 20.25 -2.54 10.14
N LEU A 212 21.03 -3.61 10.21
CA LEU A 212 21.20 -4.33 11.47
C LEU A 212 21.69 -3.36 12.57
N GLU A 213 22.70 -2.56 12.26
CA GLU A 213 23.24 -1.61 13.25
C GLU A 213 22.19 -0.57 13.64
N GLN A 214 21.46 -0.04 12.65
CA GLN A 214 20.39 0.94 12.94
C GLN A 214 19.25 0.35 13.76
N ALA A 215 18.93 -0.91 13.51
CA ALA A 215 17.87 -1.58 14.26
C ALA A 215 18.29 -1.78 15.70
N VAL A 216 19.50 -2.33 15.90
CA VAL A 216 20.04 -2.52 17.26
C VAL A 216 20.03 -1.20 18.02
N LYS A 217 20.54 -0.17 17.38
CA LYS A 217 20.61 1.17 17.95
C LYS A 217 19.21 1.76 18.26
N GLY A 218 18.22 1.39 17.48
CA GLY A 218 16.87 1.89 17.72
C GLY A 218 16.19 1.24 18.91
N LEU A 219 16.43 -0.05 19.09
CA LEU A 219 15.86 -0.76 20.23
C LEU A 219 16.52 -0.25 21.53
N ASN A 220 17.85 -0.13 21.52
CA ASN A 220 18.55 0.39 22.69
C ASN A 220 18.06 1.78 23.06
N GLU A 221 18.06 2.68 22.07
CA GLU A 221 17.61 4.05 22.25
C GLU A 221 16.17 4.13 22.77
N SER A 222 15.39 3.08 22.54
CA SER A 222 14.01 3.05 22.99
C SER A 222 13.92 2.66 24.46
N LYS A 223 15.06 2.39 25.09
CA LYS A 223 15.08 1.91 26.47
C LYS A 223 15.84 2.83 27.45
N SER B 5 -25.00 -43.28 -18.02
CA SER B 5 -24.29 -42.23 -17.30
C SER B 5 -23.79 -42.66 -15.91
N LEU B 6 -22.93 -41.83 -15.33
CA LEU B 6 -22.32 -42.05 -14.01
C LEU B 6 -23.25 -41.62 -12.88
N PRO B 7 -23.08 -42.20 -11.68
CA PRO B 7 -23.88 -41.78 -10.52
C PRO B 7 -23.71 -40.28 -10.23
N ASP B 8 -24.77 -39.70 -9.69
CA ASP B 8 -24.75 -38.31 -9.31
C ASP B 8 -23.85 -38.09 -8.11
N LEU B 9 -23.30 -36.89 -8.02
CA LEU B 9 -22.59 -36.47 -6.83
C LEU B 9 -23.40 -36.77 -5.57
N LYS B 10 -22.75 -37.37 -4.57
CA LYS B 10 -23.42 -37.63 -3.32
C LYS B 10 -22.86 -36.76 -2.23
N ILE B 11 -23.74 -36.36 -1.33
CA ILE B 11 -23.38 -35.60 -0.14
C ILE B 11 -23.95 -36.27 1.10
N GLU B 12 -23.09 -36.64 2.04
CA GLU B 12 -23.57 -37.37 3.23
C GLU B 12 -22.96 -36.82 4.48
N LYS B 13 -23.77 -36.66 5.52
CA LYS B 13 -23.21 -36.21 6.79
C LYS B 13 -22.29 -37.28 7.39
N LEU B 14 -21.15 -36.87 7.91
CA LEU B 14 -20.16 -37.77 8.51
C LEU B 14 -20.02 -37.53 10.03
N ASP B 15 -20.26 -36.29 10.45
CA ASP B 15 -20.12 -35.88 11.84
C ASP B 15 -20.68 -34.46 11.93
N GLU B 16 -20.79 -33.88 13.12
CA GLU B 16 -21.35 -32.53 13.21
C GLU B 16 -20.53 -31.55 12.39
N GLY B 17 -21.20 -30.90 11.43
CA GLY B 17 -20.55 -29.92 10.57
C GLY B 17 -19.49 -30.50 9.63
N VAL B 18 -19.57 -31.80 9.37
CA VAL B 18 -18.63 -32.45 8.45
C VAL B 18 -19.37 -33.35 7.48
N TYR B 19 -19.24 -33.06 6.19
CA TYR B 19 -19.92 -33.84 5.18
C TYR B 19 -18.92 -34.47 4.21
N VAL B 20 -19.26 -35.65 3.69
CA VAL B 20 -18.46 -36.28 2.65
C VAL B 20 -19.14 -36.09 1.31
N HIS B 21 -18.44 -35.52 0.33
CA HIS B 21 -19.01 -35.48 -1.02
C HIS B 21 -18.33 -36.55 -1.88
N THR B 22 -19.12 -37.19 -2.72
CA THR B 22 -18.54 -38.22 -3.57
C THR B 22 -18.91 -37.98 -5.01
N SER B 23 -17.89 -37.91 -5.85
CA SER B 23 -18.12 -37.78 -7.27
C SER B 23 -17.53 -39.01 -7.95
N PHE B 24 -17.95 -39.24 -9.20
CA PHE B 24 -17.61 -40.47 -9.89
C PHE B 24 -17.07 -40.21 -11.29
N GLU B 25 -15.97 -40.86 -11.62
CA GLU B 25 -15.43 -40.85 -12.98
C GLU B 25 -15.14 -42.23 -13.47
N GLU B 26 -15.39 -42.46 -14.77
CA GLU B 26 -14.86 -43.64 -15.44
C GLU B 26 -13.41 -43.35 -15.80
N VAL B 27 -12.52 -44.19 -15.28
CA VAL B 27 -11.09 -44.09 -15.52
C VAL B 27 -10.57 -45.26 -16.34
N ASN B 28 -9.79 -44.96 -17.38
CA ASN B 28 -9.25 -46.01 -18.23
C ASN B 28 -8.50 -47.07 -17.43
N GLY B 29 -8.96 -48.29 -17.59
CA GLY B 29 -8.42 -49.46 -16.94
C GLY B 29 -8.75 -49.67 -15.46
N TRP B 30 -9.53 -48.78 -14.86
CA TRP B 30 -9.89 -48.93 -13.45
C TRP B 30 -11.39 -49.09 -13.25
N GLY B 31 -12.14 -48.78 -14.30
CA GLY B 31 -13.59 -48.76 -14.22
C GLY B 31 -14.05 -47.47 -13.54
N VAL B 32 -15.20 -47.53 -12.87
CA VAL B 32 -15.78 -46.37 -12.23
C VAL B 32 -15.07 -46.17 -10.89
N VAL B 33 -14.50 -44.99 -10.73
CA VAL B 33 -13.77 -44.67 -9.51
C VAL B 33 -14.51 -43.62 -8.69
N PRO B 34 -14.75 -43.91 -7.40
CA PRO B 34 -15.32 -42.87 -6.53
C PRO B 34 -14.20 -41.94 -6.07
N LYS B 35 -14.54 -40.66 -5.84
CA LYS B 35 -13.61 -39.73 -5.20
C LYS B 35 -14.30 -39.04 -4.04
N HIS B 36 -13.79 -39.24 -2.82
CA HIS B 36 -14.36 -38.56 -1.65
C HIS B 36 -13.62 -37.26 -1.34
N GLY B 37 -14.39 -36.24 -0.97
CA GLY B 37 -13.83 -35.04 -0.36
C GLY B 37 -14.70 -34.70 0.83
N LEU B 38 -14.41 -33.59 1.50
CA LEU B 38 -15.24 -33.14 2.62
C LEU B 38 -15.80 -31.74 2.37
N VAL B 39 -16.92 -31.45 3.03
CA VAL B 39 -17.34 -30.09 3.21
C VAL B 39 -17.37 -29.88 4.71
N VAL B 40 -16.63 -28.89 5.17
CA VAL B 40 -16.56 -28.57 6.59
C VAL B 40 -17.26 -27.25 6.93
N LEU B 41 -18.17 -27.29 7.91
CA LEU B 41 -18.91 -26.09 8.29
C LEU B 41 -18.28 -25.46 9.53
N VAL B 42 -17.92 -24.20 9.37
CA VAL B 42 -17.42 -23.37 10.44
C VAL B 42 -18.30 -22.14 10.50
N ASN B 43 -19.04 -21.99 11.60
CA ASN B 43 -20.05 -20.94 11.75
C ASN B 43 -21.08 -20.90 10.61
N ALA B 44 -21.52 -22.07 10.17
CA ALA B 44 -22.54 -22.17 9.13
C ALA B 44 -22.06 -21.62 7.78
N GLU B 45 -20.73 -21.64 7.59
CA GLU B 45 -20.07 -21.33 6.32
C GLU B 45 -19.28 -22.57 5.89
N ALA B 46 -19.23 -22.86 4.60
CA ALA B 46 -18.64 -24.13 4.16
C ALA B 46 -17.25 -24.00 3.56
N TYR B 47 -16.43 -25.00 3.89
CA TYR B 47 -15.09 -25.15 3.35
C TYR B 47 -15.00 -26.45 2.58
N LEU B 48 -14.63 -26.37 1.30
CA LEU B 48 -14.43 -27.55 0.49
C LEU B 48 -13.05 -28.11 0.71
N ILE B 49 -12.97 -29.36 1.17
CA ILE B 49 -11.71 -30.09 1.25
C ILE B 49 -11.66 -30.97 0.00
N ASP B 50 -10.89 -30.53 -1.00
CA ASP B 50 -10.88 -31.10 -2.36
C ASP B 50 -12.14 -30.74 -3.15
N THR B 51 -11.94 -30.45 -4.42
CA THR B 51 -13.06 -30.25 -5.34
C THR B 51 -13.35 -31.58 -6.01
N PRO B 52 -14.59 -31.77 -6.47
CA PRO B 52 -14.88 -32.86 -7.40
C PRO B 52 -14.03 -32.72 -8.68
N PHE B 53 -14.03 -33.77 -9.50
CA PHE B 53 -13.29 -33.84 -10.76
C PHE B 53 -13.67 -32.69 -11.72
N THR B 54 -14.98 -32.44 -11.81
CA THR B 54 -15.50 -31.54 -12.83
C THR B 54 -16.09 -30.23 -12.32
N ALA B 55 -16.18 -29.25 -13.21
CA ALA B 55 -16.85 -28.00 -12.90
C ALA B 55 -18.33 -28.27 -12.60
N LYS B 56 -18.94 -29.21 -13.33
CA LYS B 56 -20.34 -29.57 -13.11
C LYS B 56 -20.61 -30.08 -11.70
N ASP B 57 -19.83 -31.06 -11.24
CA ASP B 57 -20.03 -31.52 -9.87
C ASP B 57 -19.60 -30.47 -8.84
N THR B 58 -18.58 -29.65 -9.13
CA THR B 58 -18.20 -28.59 -8.20
C THR B 58 -19.39 -27.64 -8.05
N GLU B 59 -20.01 -27.30 -9.17
CA GLU B 59 -21.16 -26.40 -9.17
C GLU B 59 -22.32 -27.00 -8.37
N LYS B 60 -22.59 -28.30 -8.56
CA LYS B 60 -23.66 -28.94 -7.80
C LYS B 60 -23.37 -28.93 -6.29
N LEU B 61 -22.13 -29.22 -5.93
CA LEU B 61 -21.73 -29.27 -4.54
C LEU B 61 -21.97 -27.92 -3.91
N VAL B 62 -21.45 -26.88 -4.54
CA VAL B 62 -21.57 -25.51 -4.07
C VAL B 62 -23.03 -25.06 -3.99
N THR B 63 -23.79 -25.32 -5.06
CA THR B 63 -25.19 -24.94 -5.14
C THR B 63 -26.00 -25.60 -4.03
N TRP B 64 -25.72 -26.87 -3.76
CA TRP B 64 -26.44 -27.58 -2.70
C TRP B 64 -26.32 -26.85 -1.35
N PHE B 65 -25.12 -26.35 -1.01
CA PHE B 65 -24.93 -25.65 0.25
C PHE B 65 -25.33 -24.18 0.21
N VAL B 66 -25.08 -23.52 -0.90
CA VAL B 66 -25.46 -22.11 -1.01
C VAL B 66 -26.98 -21.97 -0.98
N GLU B 67 -27.68 -22.88 -1.64
CA GLU B 67 -29.14 -22.79 -1.65
C GLU B 67 -29.75 -23.12 -0.28
N ARG B 68 -28.97 -23.73 0.59
CA ARG B 68 -29.41 -24.02 1.94
C ARG B 68 -28.82 -22.99 2.91
N GLY B 69 -28.34 -21.88 2.35
CA GLY B 69 -27.87 -20.71 3.08
C GLY B 69 -26.45 -20.79 3.64
N TYR B 70 -25.65 -21.73 3.13
CA TYR B 70 -24.27 -21.84 3.59
C TYR B 70 -23.39 -21.26 2.49
N LYS B 71 -22.76 -20.13 2.78
CA LYS B 71 -21.82 -19.51 1.86
C LYS B 71 -20.55 -20.32 1.85
N ILE B 72 -19.95 -20.40 0.68
CA ILE B 72 -18.66 -21.05 0.46
C ILE B 72 -17.51 -20.11 0.79
N LYS B 73 -16.81 -20.43 1.86
CA LYS B 73 -15.73 -19.58 2.36
C LYS B 73 -14.40 -19.87 1.62
N GLY B 74 -14.20 -21.11 1.17
CA GLY B 74 -13.00 -21.47 0.42
C GLY B 74 -12.89 -22.95 0.05
N SER B 75 -11.93 -23.29 -0.80
CA SER B 75 -11.57 -24.71 -0.98
C SER B 75 -10.06 -24.90 -0.85
N ILE B 76 -9.69 -26.07 -0.37
CA ILE B 76 -8.29 -26.47 -0.33
C ILE B 76 -8.13 -27.80 -1.06
N SER B 77 -7.07 -27.91 -1.85
CA SER B 77 -6.78 -29.10 -2.63
C SER B 77 -5.59 -29.85 -2.06
N SER B 78 -5.78 -31.14 -1.88
CA SER B 78 -4.82 -31.98 -1.20
C SER B 78 -3.61 -32.29 -2.09
N HIS B 79 -3.80 -32.27 -3.40
CA HIS B 79 -2.67 -32.38 -4.32
C HIS B 79 -3.11 -32.00 -5.71
N PHE B 80 -2.20 -32.04 -6.69
CA PHE B 80 -2.47 -31.37 -7.97
C PHE B 80 -3.35 -32.14 -8.97
N HIS B 81 -3.50 -33.46 -8.81
CA HIS B 81 -4.35 -34.24 -9.71
C HIS B 81 -5.77 -33.67 -9.81
N SER B 82 -6.42 -33.89 -10.95
CA SER B 82 -7.78 -33.38 -11.21
C SER B 82 -8.85 -33.82 -10.24
N ASP B 83 -8.69 -34.99 -9.63
CA ASP B 83 -9.62 -35.53 -8.62
CA ASP B 83 -9.74 -35.43 -8.71
C ASP B 83 -9.73 -34.60 -7.41
N SER B 84 -8.71 -33.74 -7.27
CA SER B 84 -8.63 -32.80 -6.15
C SER B 84 -8.69 -31.33 -6.55
N THR B 85 -8.39 -31.03 -7.82
CA THR B 85 -8.27 -29.64 -8.29
C THR B 85 -9.21 -29.22 -9.44
N GLY B 86 -10.01 -30.14 -9.96
CA GLY B 86 -10.79 -29.90 -11.17
C GLY B 86 -11.73 -28.71 -11.11
N GLY B 87 -12.22 -28.41 -9.91
CA GLY B 87 -13.17 -27.34 -9.73
C GLY B 87 -12.57 -25.98 -9.38
N ILE B 88 -11.25 -25.89 -9.34
CA ILE B 88 -10.59 -24.65 -8.93
C ILE B 88 -10.93 -23.47 -9.86
N GLU B 89 -10.84 -23.69 -11.16
CA GLU B 89 -11.21 -22.67 -12.16
C GLU B 89 -12.62 -22.15 -11.96
N TRP B 90 -13.55 -23.08 -11.74
CA TRP B 90 -14.93 -22.70 -11.54
C TRP B 90 -15.01 -21.85 -10.26
N LEU B 91 -14.37 -22.29 -9.19
CA LEU B 91 -14.41 -21.52 -7.95
C LEU B 91 -13.79 -20.12 -8.14
N ASN B 92 -12.64 -20.06 -8.83
CA ASN B 92 -11.98 -18.78 -9.14
C ASN B 92 -12.92 -17.87 -9.92
N SER B 93 -13.61 -18.42 -10.90
CA SER B 93 -14.49 -17.58 -11.70
C SER B 93 -15.67 -17.09 -10.84
N ARG B 94 -15.90 -17.69 -9.67
CA ARG B 94 -16.95 -17.17 -8.80
C ARG B 94 -16.36 -16.34 -7.66
N SER B 95 -15.06 -16.02 -7.73
CA SER B 95 -14.38 -15.32 -6.63
C SER B 95 -14.52 -16.08 -5.32
N ILE B 96 -14.57 -17.40 -5.37
CA ILE B 96 -14.45 -18.17 -4.13
C ILE B 96 -12.96 -18.49 -3.93
N PRO B 97 -12.38 -18.10 -2.77
CA PRO B 97 -10.93 -18.33 -2.53
C PRO B 97 -10.51 -19.81 -2.66
N THR B 98 -9.47 -20.07 -3.44
CA THR B 98 -8.96 -21.43 -3.58
C THR B 98 -7.55 -21.57 -2.95
N TYR B 99 -7.32 -22.68 -2.28
CA TYR B 99 -6.05 -22.91 -1.59
C TYR B 99 -5.36 -24.18 -2.09
N ALA B 100 -4.05 -24.09 -2.21
CA ALA B 100 -3.21 -25.21 -2.54
C ALA B 100 -1.81 -24.93 -1.99
N SER B 101 -1.01 -25.96 -1.78
CA SER B 101 0.37 -25.72 -1.38
C SER B 101 1.14 -25.05 -2.53
N GLU B 102 2.23 -24.37 -2.19
CA GLU B 102 3.13 -23.79 -3.19
C GLU B 102 3.51 -24.80 -4.25
N LEU B 103 3.91 -26.00 -3.80
CA LEU B 103 4.30 -27.06 -4.71
C LEU B 103 3.12 -27.55 -5.57
N THR B 104 1.96 -27.75 -4.96
CA THR B 104 0.78 -28.14 -5.73
C THR B 104 0.55 -27.13 -6.87
N ASN B 105 0.61 -25.83 -6.56
CA ASN B 105 0.43 -24.84 -7.60
C ASN B 105 1.54 -24.87 -8.65
N GLU B 106 2.74 -25.23 -8.21
CA GLU B 106 3.87 -25.36 -9.10
C GLU B 106 3.59 -26.48 -10.11
N LEU B 107 3.13 -27.63 -9.61
CA LEU B 107 2.81 -28.73 -10.50
C LEU B 107 1.62 -28.40 -11.41
N LEU B 108 0.61 -27.69 -10.90
CA LEU B 108 -0.51 -27.26 -11.75
C LEU B 108 -0.04 -26.40 -12.92
N LYS B 109 0.83 -25.43 -12.62
CA LYS B 109 1.41 -24.53 -13.62
C LYS B 109 2.24 -25.30 -14.67
N LYS B 110 3.08 -26.23 -14.22
CA LYS B 110 3.93 -26.96 -15.16
C LYS B 110 3.07 -27.75 -16.14
N ASP B 111 1.91 -28.19 -15.67
CA ASP B 111 0.95 -28.91 -16.48
C ASP B 111 0.00 -27.97 -17.25
N GLY B 112 0.23 -26.66 -17.18
CA GLY B 112 -0.64 -25.71 -17.86
C GLY B 112 -2.05 -25.63 -17.29
N LYS B 113 -2.20 -25.97 -16.00
CA LYS B 113 -3.50 -25.91 -15.32
C LYS B 113 -3.64 -24.61 -14.50
N VAL B 114 -4.88 -24.25 -14.23
CA VAL B 114 -5.17 -23.09 -13.39
C VAL B 114 -4.71 -23.33 -11.95
N GLN B 115 -4.08 -22.33 -11.35
CA GLN B 115 -3.60 -22.45 -9.97
C GLN B 115 -4.62 -21.93 -8.96
N ALA B 116 -4.50 -22.38 -7.72
CA ALA B 116 -5.25 -21.81 -6.61
C ALA B 116 -4.76 -20.38 -6.38
N THR B 117 -5.65 -19.53 -5.87
CA THR B 117 -5.33 -18.13 -5.70
C THR B 117 -4.59 -17.91 -4.40
N ASN B 118 -4.62 -18.91 -3.52
CA ASN B 118 -3.89 -18.82 -2.26
C ASN B 118 -2.96 -20.01 -2.10
N SER B 119 -1.70 -19.75 -1.79
CA SER B 119 -0.77 -20.84 -1.57
C SER B 119 -0.12 -20.74 -0.22
N PHE B 120 0.35 -21.87 0.27
CA PHE B 120 1.12 -21.88 1.49
C PHE B 120 2.34 -22.75 1.26
N SER B 121 3.40 -22.42 1.98
CA SER B 121 4.64 -23.19 1.97
C SER B 121 4.80 -23.67 3.40
N GLY B 122 5.61 -24.69 3.60
CA GLY B 122 5.82 -25.15 4.95
C GLY B 122 5.10 -26.45 5.23
N VAL B 123 5.39 -27.01 6.39
CA VAL B 123 4.92 -28.33 6.74
C VAL B 123 3.53 -28.22 7.36
N ASN B 124 3.30 -27.12 8.05
CA ASN B 124 2.00 -26.87 8.68
C ASN B 124 1.35 -25.58 8.22
N TYR B 125 0.03 -25.60 8.18
CA TYR B 125 -0.75 -24.45 7.78
C TYR B 125 -2.14 -24.52 8.42
N TRP B 126 -2.60 -23.44 9.04
CA TRP B 126 -3.99 -23.34 9.50
C TRP B 126 -4.85 -22.66 8.43
N LEU B 127 -5.77 -23.40 7.83
CA LEU B 127 -6.77 -22.79 6.97
C LEU B 127 -7.75 -21.99 7.82
N VAL B 128 -8.18 -22.59 8.93
CA VAL B 128 -9.02 -21.97 9.95
C VAL B 128 -8.45 -22.38 11.30
N LYS B 129 -7.95 -21.40 12.05
CA LYS B 129 -7.24 -21.70 13.29
C LYS B 129 -8.06 -22.56 14.24
N ASN B 130 -7.44 -23.65 14.69
CA ASN B 130 -8.05 -24.62 15.59
C ASN B 130 -9.18 -25.45 15.02
N LYS B 131 -9.47 -25.30 13.73
CA LYS B 131 -10.55 -26.07 13.14
C LYS B 131 -10.15 -26.82 11.88
N ILE B 132 -9.40 -26.18 10.98
CA ILE B 132 -8.99 -26.86 9.78
C ILE B 132 -7.50 -26.70 9.59
N GLU B 133 -6.79 -27.80 9.76
CA GLU B 133 -5.35 -27.75 9.72
C GLU B 133 -4.80 -28.57 8.56
N VAL B 134 -3.73 -28.09 7.95
CA VAL B 134 -3.12 -28.80 6.84
C VAL B 134 -1.73 -29.29 7.21
N PHE B 135 -1.40 -30.52 6.83
CA PHE B 135 -0.10 -31.10 7.15
C PHE B 135 0.52 -31.88 5.97
N TYR B 136 1.81 -31.64 5.74
CA TYR B 136 2.58 -32.35 4.71
C TYR B 136 3.42 -33.48 5.31
N PRO B 137 3.03 -34.74 5.08
CA PRO B 137 3.76 -35.85 5.72
C PRO B 137 5.04 -36.21 4.96
N GLY B 138 5.19 -35.68 3.74
CA GLY B 138 6.27 -36.07 2.85
C GLY B 138 5.66 -36.69 1.61
N PRO B 139 6.49 -36.91 0.57
CA PRO B 139 6.01 -37.45 -0.71
C PRO B 139 5.39 -38.84 -0.53
N GLY B 140 4.45 -39.19 -1.38
CA GLY B 140 3.84 -40.50 -1.34
C GLY B 140 3.19 -40.81 -2.67
N HIS B 141 1.86 -40.81 -2.67
CA HIS B 141 1.06 -40.87 -3.89
C HIS B 141 1.54 -39.82 -4.92
N THR B 142 1.89 -38.63 -4.42
CA THR B 142 2.53 -37.60 -5.23
C THR B 142 3.56 -36.86 -4.40
N PRO B 143 4.40 -36.05 -5.05
CA PRO B 143 5.37 -35.26 -4.30
C PRO B 143 4.72 -34.17 -3.41
N ASP B 144 3.53 -33.71 -3.78
CA ASP B 144 2.93 -32.56 -3.09
C ASP B 144 1.81 -32.93 -2.13
N ASN B 145 1.46 -34.19 -2.01
CA ASN B 145 0.30 -34.52 -1.20
C ASN B 145 0.25 -34.03 0.22
N VAL B 146 -0.88 -33.45 0.62
CA VAL B 146 -1.02 -33.02 2.01
C VAL B 146 -2.28 -33.64 2.60
N VAL B 147 -2.41 -33.63 3.92
CA VAL B 147 -3.62 -34.14 4.56
C VAL B 147 -4.26 -32.98 5.32
N VAL B 148 -5.52 -33.13 5.68
CA VAL B 148 -6.21 -32.06 6.35
C VAL B 148 -6.80 -32.61 7.64
N TRP B 149 -6.58 -31.90 8.73
CA TRP B 149 -6.92 -32.42 10.06
C TRP B 149 -7.95 -31.50 10.67
N LEU B 150 -9.01 -32.09 11.22
CA LEU B 150 -10.05 -31.34 11.91
C LEU B 150 -9.91 -31.62 13.42
N PRO B 151 -9.13 -30.78 14.12
CA PRO B 151 -8.84 -31.11 15.54
C PRO B 151 -10.08 -31.28 16.42
N GLU B 152 -11.11 -30.45 16.21
CA GLU B 152 -12.30 -30.55 17.06
C GLU B 152 -13.06 -31.87 16.94
N ARG B 153 -12.91 -32.56 15.80
CA ARG B 153 -13.63 -33.81 15.55
C ARG B 153 -12.70 -35.00 15.47
N LYS B 154 -11.40 -34.74 15.52
CA LYS B 154 -10.40 -35.76 15.35
C LYS B 154 -10.64 -36.53 14.05
N ILE B 155 -10.94 -35.78 13.00
CA ILE B 155 -11.11 -36.34 11.66
C ILE B 155 -9.91 -35.98 10.80
N LEU B 156 -9.37 -36.98 10.12
CA LEU B 156 -8.25 -36.80 9.21
C LEU B 156 -8.71 -37.14 7.80
N PHE B 157 -8.62 -36.17 6.89
CA PHE B 157 -8.81 -36.43 5.47
C PHE B 157 -7.49 -36.79 4.85
N GLY B 158 -7.33 -38.04 4.43
CA GLY B 158 -6.03 -38.46 3.93
C GLY B 158 -5.90 -38.33 2.42
N GLY B 159 -7.03 -38.16 1.74
CA GLY B 159 -6.98 -38.07 0.28
C GLY B 159 -6.35 -39.30 -0.36
N CYS B 160 -5.57 -39.08 -1.41
CA CYS B 160 -5.01 -40.21 -2.15
C CYS B 160 -3.72 -40.74 -1.54
N PHE B 161 -3.29 -40.16 -0.43
CA PHE B 161 -2.13 -40.68 0.30
C PHE B 161 -2.54 -41.94 1.06
N ILE B 162 -3.77 -41.97 1.57
CA ILE B 162 -4.29 -43.12 2.30
C ILE B 162 -4.82 -44.20 1.35
N LYS B 163 -4.14 -45.35 1.32
CA LYS B 163 -4.44 -46.40 0.34
C LYS B 163 -4.43 -47.79 0.97
N PRO B 164 -5.48 -48.13 1.74
CA PRO B 164 -5.50 -49.37 2.52
C PRO B 164 -5.44 -50.67 1.69
N TYR B 165 -5.98 -50.65 0.47
CA TYR B 165 -6.05 -51.86 -0.37
C TYR B 165 -5.12 -51.82 -1.57
N GLY B 166 -4.00 -51.13 -1.47
CA GLY B 166 -3.15 -51.02 -2.64
C GLY B 166 -2.97 -49.57 -3.08
N LEU B 167 -1.80 -49.26 -3.60
CA LEU B 167 -1.38 -47.89 -3.83
C LEU B 167 -2.02 -47.19 -5.04
N GLY B 168 -2.70 -47.94 -5.91
CA GLY B 168 -3.31 -47.36 -7.11
C GLY B 168 -2.30 -46.93 -8.16
N ASN B 169 -2.62 -45.85 -8.87
CA ASN B 169 -1.78 -45.32 -9.94
C ASN B 169 -0.48 -44.73 -9.39
N LEU B 170 0.66 -45.26 -9.82
CA LEU B 170 1.96 -44.85 -9.29
C LEU B 170 2.77 -43.89 -10.19
N GLY B 171 2.12 -43.37 -11.22
CA GLY B 171 2.74 -42.49 -12.21
C GLY B 171 3.49 -41.29 -11.66
N ASP B 172 2.96 -40.70 -10.59
CA ASP B 172 3.61 -39.53 -9.99
C ASP B 172 4.05 -39.85 -8.57
N ALA B 173 3.99 -41.12 -8.22
CA ALA B 173 4.28 -41.52 -6.86
C ALA B 173 5.78 -41.54 -6.65
N ASN B 174 6.15 -41.45 -5.37
CA ASN B 174 7.52 -41.60 -4.90
C ASN B 174 7.49 -42.79 -3.96
N ILE B 175 7.71 -43.97 -4.52
CA ILE B 175 7.58 -45.22 -3.78
C ILE B 175 8.64 -45.36 -2.68
N GLU B 176 9.80 -44.77 -2.91
CA GLU B 176 10.89 -44.80 -1.94
C GLU B 176 10.57 -44.03 -0.66
N ALA B 177 9.86 -42.91 -0.79
CA ALA B 177 9.63 -42.02 0.34
C ALA B 177 8.33 -42.32 1.07
N TRP B 178 7.40 -42.97 0.37
CA TRP B 178 6.05 -43.17 0.89
C TRP B 178 5.99 -43.89 2.24
N PRO B 179 6.78 -44.97 2.41
CA PRO B 179 6.77 -45.64 3.71
C PRO B 179 7.23 -44.71 4.84
N LYS B 180 8.30 -43.95 4.62
CA LYS B 180 8.75 -43.02 5.63
C LYS B 180 7.68 -41.94 5.91
N SER B 181 7.04 -41.40 4.86
CA SER B 181 5.95 -40.41 5.03
C SER B 181 4.77 -41.03 5.78
N ALA B 182 4.45 -42.27 5.45
CA ALA B 182 3.33 -42.96 6.08
C ALA B 182 3.58 -43.21 7.57
N LYS B 183 4.84 -43.47 7.93
CA LYS B 183 5.19 -43.69 9.33
C LYS B 183 4.97 -42.43 10.16
N LEU B 184 5.48 -41.31 9.65
CA LEU B 184 5.31 -40.01 10.30
C LEU B 184 3.84 -39.62 10.45
N LEU B 185 3.06 -39.93 9.41
CA LEU B 185 1.64 -39.63 9.42
C LEU B 185 0.96 -40.48 10.48
N LYS B 186 1.35 -41.75 10.51
CA LYS B 186 0.84 -42.70 11.50
C LYS B 186 1.10 -42.24 12.94
N SER B 187 2.32 -41.80 13.22
CA SER B 187 2.64 -41.34 14.56
C SER B 187 1.84 -40.08 14.91
N LYS B 188 1.80 -39.13 13.99
CA LYS B 188 1.20 -37.82 14.31
C LYS B 188 -0.30 -37.89 14.54
N TYR B 189 -1.00 -38.80 13.86
CA TYR B 189 -2.47 -38.80 13.94
C TYR B 189 -3.03 -40.15 14.38
N GLY B 190 -2.24 -40.92 15.14
CA GLY B 190 -2.66 -42.22 15.62
C GLY B 190 -3.95 -42.25 16.43
N LYS B 191 -4.26 -41.17 17.14
CA LYS B 191 -5.47 -41.15 17.94
C LYS B 191 -6.66 -40.56 17.18
N ALA B 192 -6.56 -40.55 15.84
CA ALA B 192 -7.63 -40.10 14.95
C ALA B 192 -8.88 -40.95 15.14
N LYS B 193 -10.03 -40.30 15.23
CA LYS B 193 -11.30 -41.01 15.35
C LYS B 193 -11.73 -41.53 13.97
N LEU B 194 -11.51 -40.72 12.93
CA LEU B 194 -11.83 -41.13 11.56
C LEU B 194 -10.73 -40.79 10.56
N VAL B 195 -10.52 -41.70 9.60
CA VAL B 195 -9.62 -41.41 8.49
C VAL B 195 -10.42 -41.51 7.19
N VAL B 196 -10.35 -40.47 6.35
CA VAL B 196 -11.10 -40.48 5.09
C VAL B 196 -10.17 -40.59 3.88
N PRO B 197 -10.20 -41.74 3.18
CA PRO B 197 -9.42 -41.94 1.95
C PRO B 197 -10.08 -41.28 0.75
N SER B 198 -9.36 -41.13 -0.35
CA SER B 198 -9.95 -40.58 -1.55
C SER B 198 -10.86 -41.60 -2.23
N HIS B 199 -10.43 -42.86 -2.22
CA HIS B 199 -11.03 -43.86 -3.09
C HIS B 199 -11.57 -45.12 -2.45
N SER B 200 -11.70 -45.10 -1.14
CA SER B 200 -12.30 -46.20 -0.42
C SER B 200 -12.99 -45.62 0.81
N GLU B 201 -13.66 -46.48 1.56
CA GLU B 201 -14.58 -46.07 2.61
C GLU B 201 -13.90 -45.47 3.84
N VAL B 202 -14.65 -44.62 4.55
CA VAL B 202 -14.13 -44.07 5.80
C VAL B 202 -13.81 -45.18 6.79
N GLY B 203 -12.67 -45.07 7.46
CA GLY B 203 -12.32 -46.02 8.49
C GLY B 203 -11.84 -45.32 9.74
N ASP B 204 -11.10 -46.04 10.57
CA ASP B 204 -10.48 -45.43 11.73
C ASP B 204 -8.98 -45.37 11.58
N ALA B 205 -8.27 -45.06 12.67
CA ALA B 205 -6.84 -44.82 12.63
C ALA B 205 -6.05 -46.01 12.08
N SER B 206 -6.70 -47.17 12.03
CA SER B 206 -6.07 -48.38 11.51
C SER B 206 -5.70 -48.21 10.04
N LEU B 207 -6.41 -47.32 9.34
CA LEU B 207 -6.10 -47.02 7.93
C LEU B 207 -4.68 -46.46 7.81
N LEU B 208 -4.19 -45.80 8.86
CA LEU B 208 -2.83 -45.29 8.89
C LEU B 208 -1.86 -46.45 8.99
N LYS B 209 -2.29 -47.46 9.74
CA LYS B 209 -1.54 -48.71 9.88
C LYS B 209 -1.45 -49.41 8.52
N LEU B 210 -2.60 -49.61 7.89
CA LEU B 210 -2.68 -50.34 6.63
C LEU B 210 -1.96 -49.67 5.49
N THR B 211 -2.06 -48.34 5.44
CA THR B 211 -1.38 -47.57 4.41
C THR B 211 0.12 -47.78 4.52
N LEU B 212 0.64 -47.74 5.74
CA LEU B 212 2.06 -47.96 5.98
C LEU B 212 2.50 -49.30 5.43
N GLU B 213 1.72 -50.34 5.68
CA GLU B 213 2.02 -51.68 5.21
C GLU B 213 2.04 -51.76 3.69
N GLN B 214 1.03 -51.17 3.06
CA GLN B 214 0.93 -51.20 1.60
C GLN B 214 2.11 -50.51 0.95
N ALA B 215 2.61 -49.45 1.59
CA ALA B 215 3.72 -48.70 1.03
C ALA B 215 5.00 -49.53 1.02
N VAL B 216 5.37 -50.11 2.16
CA VAL B 216 6.54 -50.99 2.24
C VAL B 216 6.36 -52.17 1.26
N LYS B 217 5.19 -52.80 1.32
CA LYS B 217 4.88 -53.93 0.45
C LYS B 217 4.94 -53.53 -1.02
N GLY B 218 4.61 -52.27 -1.30
CA GLY B 218 4.69 -51.74 -2.65
C GLY B 218 6.14 -51.45 -3.02
N LEU B 219 6.90 -51.00 -2.02
CA LEU B 219 8.32 -50.70 -2.22
C LEU B 219 9.12 -51.98 -2.49
N ASN B 220 8.83 -53.05 -1.76
CA ASN B 220 9.48 -54.35 -1.97
C ASN B 220 9.31 -54.82 -3.41
N GLU B 221 8.05 -54.84 -3.85
CA GLU B 221 7.72 -55.28 -5.20
C GLU B 221 8.45 -54.50 -6.28
N SER B 222 8.92 -53.31 -5.94
CA SER B 222 9.63 -52.47 -6.90
C SER B 222 11.08 -52.94 -7.01
N LYS B 223 11.41 -53.96 -6.22
CA LYS B 223 12.78 -54.47 -6.16
C LYS B 223 12.89 -55.96 -6.53
N SER C 5 -21.91 -7.95 -19.67
CA SER C 5 -21.75 -6.50 -19.64
C SER C 5 -22.57 -5.82 -18.54
N LEU C 6 -22.32 -4.52 -18.39
CA LEU C 6 -22.93 -3.71 -17.35
C LEU C 6 -24.35 -3.28 -17.73
N PRO C 7 -25.22 -3.09 -16.72
CA PRO C 7 -26.55 -2.53 -16.96
C PRO C 7 -26.44 -1.13 -17.56
N ASP C 8 -27.41 -0.73 -18.36
CA ASP C 8 -27.43 0.61 -18.94
C ASP C 8 -27.68 1.68 -17.89
N LEU C 9 -27.22 2.89 -18.17
CA LEU C 9 -27.53 4.05 -17.33
C LEU C 9 -29.03 4.14 -17.04
N LYS C 10 -29.40 4.39 -15.78
CA LYS C 10 -30.81 4.58 -15.43
C LYS C 10 -31.07 6.02 -15.01
N ILE C 11 -32.22 6.54 -15.39
CA ILE C 11 -32.64 7.86 -14.95
C ILE C 11 -34.05 7.73 -14.39
N GLU C 12 -34.23 8.09 -13.11
CA GLU C 12 -35.53 7.97 -12.47
C GLU C 12 -35.88 9.20 -11.69
N LYS C 13 -37.13 9.63 -11.81
CA LYS C 13 -37.61 10.77 -11.06
C LYS C 13 -37.57 10.41 -9.57
N LEU C 14 -37.14 11.36 -8.75
CA LEU C 14 -37.05 11.14 -7.32
C LEU C 14 -38.03 12.03 -6.59
N ASP C 15 -38.28 13.20 -7.17
CA ASP C 15 -39.14 14.20 -6.57
C ASP C 15 -39.33 15.27 -7.63
N GLU C 16 -40.19 16.25 -7.38
CA GLU C 16 -40.41 17.29 -8.38
C GLU C 16 -39.11 18.01 -8.72
N GLY C 17 -38.75 17.98 -10.00
CA GLY C 17 -37.54 18.61 -10.46
C GLY C 17 -36.24 17.97 -9.98
N VAL C 18 -36.31 16.73 -9.53
CA VAL C 18 -35.12 16.00 -9.12
C VAL C 18 -35.08 14.57 -9.63
N TYR C 19 -34.06 14.27 -10.42
CA TYR C 19 -33.87 12.95 -10.96
C TYR C 19 -32.60 12.28 -10.43
N VAL C 20 -32.67 10.95 -10.29
CA VAL C 20 -31.51 10.18 -9.92
C VAL C 20 -30.92 9.47 -11.14
N HIS C 21 -29.67 9.76 -11.46
CA HIS C 21 -29.03 8.99 -12.52
C HIS C 21 -28.12 7.96 -11.87
N THR C 22 -28.16 6.75 -12.42
CA THR C 22 -27.40 5.62 -11.92
C THR C 22 -26.59 4.99 -13.04
N SER C 23 -25.28 4.91 -12.82
CA SER C 23 -24.37 4.27 -13.76
C SER C 23 -23.79 3.08 -13.02
N PHE C 24 -23.12 2.20 -13.74
CA PHE C 24 -22.74 0.91 -13.16
C PHE C 24 -21.29 0.54 -13.43
N GLU C 25 -20.67 -0.12 -12.46
CA GLU C 25 -19.26 -0.51 -12.61
C GLU C 25 -19.00 -1.86 -11.95
N GLU C 26 -18.05 -2.61 -12.48
CA GLU C 26 -17.68 -3.88 -11.86
C GLU C 26 -16.57 -3.60 -10.86
N VAL C 27 -16.78 -4.01 -9.62
CA VAL C 27 -15.76 -3.87 -8.61
C VAL C 27 -15.29 -5.27 -8.29
N ASN C 28 -13.97 -5.48 -8.36
CA ASN C 28 -13.43 -6.82 -8.19
C ASN C 28 -13.83 -7.47 -6.85
N GLY C 29 -14.51 -8.60 -6.95
CA GLY C 29 -14.95 -9.36 -5.80
C GLY C 29 -16.27 -8.90 -5.20
N TRP C 30 -16.90 -7.90 -5.81
CA TRP C 30 -18.18 -7.36 -5.35
C TRP C 30 -19.26 -7.37 -6.42
N GLY C 31 -18.87 -7.61 -7.66
CA GLY C 31 -19.80 -7.56 -8.77
C GLY C 31 -20.16 -6.16 -9.26
N VAL C 32 -21.39 -6.03 -9.73
CA VAL C 32 -21.86 -4.79 -10.31
C VAL C 32 -22.35 -3.84 -9.22
N VAL C 33 -21.71 -2.68 -9.13
CA VAL C 33 -22.03 -1.68 -8.13
C VAL C 33 -22.60 -0.44 -8.81
N PRO C 34 -23.75 0.05 -8.31
CA PRO C 34 -24.32 1.31 -8.80
C PRO C 34 -23.58 2.54 -8.24
N LYS C 35 -23.58 3.62 -9.03
CA LYS C 35 -23.15 4.95 -8.63
C LYS C 35 -24.31 5.90 -8.97
N HIS C 36 -24.90 6.49 -7.93
CA HIS C 36 -25.99 7.44 -8.09
C HIS C 36 -25.45 8.86 -8.15
N GLY C 37 -26.06 9.66 -9.03
CA GLY C 37 -25.93 11.11 -9.03
C GLY C 37 -27.31 11.71 -9.19
N LEU C 38 -27.41 13.04 -9.26
CA LEU C 38 -28.69 13.70 -9.46
C LEU C 38 -28.69 14.56 -10.70
N VAL C 39 -29.89 14.81 -11.20
CA VAL C 39 -30.10 15.90 -12.15
C VAL C 39 -31.15 16.79 -11.51
N VAL C 40 -30.81 18.06 -11.35
CA VAL C 40 -31.74 18.99 -10.72
C VAL C 40 -32.28 19.98 -11.75
N LEU C 41 -33.61 20.13 -11.78
CA LEU C 41 -34.26 21.02 -12.74
C LEU C 41 -34.75 22.32 -12.09
N VAL C 42 -34.25 23.45 -12.57
CA VAL C 42 -34.72 24.76 -12.13
C VAL C 42 -35.21 25.49 -13.38
N ASN C 43 -36.51 25.73 -13.46
CA ASN C 43 -37.10 26.17 -14.72
C ASN C 43 -36.85 25.15 -15.82
N ALA C 44 -36.34 25.59 -16.96
CA ALA C 44 -36.04 24.65 -18.05
C ALA C 44 -34.56 24.32 -18.09
N GLU C 45 -33.88 24.49 -16.96
CA GLU C 45 -32.46 24.22 -16.91
C GLU C 45 -32.10 23.06 -16.01
N ALA C 46 -31.17 22.25 -16.48
CA ALA C 46 -30.76 21.07 -15.76
C ALA C 46 -29.36 21.26 -15.16
N TYR C 47 -29.18 20.76 -13.94
CA TYR C 47 -27.88 20.77 -13.29
C TYR C 47 -27.47 19.35 -12.96
N LEU C 48 -26.31 18.94 -13.46
CA LEU C 48 -25.79 17.61 -13.14
C LEU C 48 -25.08 17.63 -11.78
N ILE C 49 -25.55 16.81 -10.86
CA ILE C 49 -24.83 16.59 -9.61
C ILE C 49 -24.07 15.26 -9.76
N ASP C 50 -22.77 15.40 -9.97
CA ASP C 50 -21.84 14.31 -10.32
C ASP C 50 -22.04 13.82 -11.76
N THR C 51 -20.93 13.53 -12.44
CA THR C 51 -20.98 12.89 -13.74
C THR C 51 -20.81 11.38 -13.57
N PRO C 52 -21.36 10.60 -14.51
CA PRO C 52 -20.99 9.18 -14.61
C PRO C 52 -19.48 8.98 -14.81
N PHE C 53 -19.03 7.74 -14.64
CA PHE C 53 -17.61 7.38 -14.80
C PHE C 53 -17.08 7.69 -16.21
N THR C 54 -17.88 7.40 -17.23
CA THR C 54 -17.40 7.47 -18.61
C THR C 54 -17.94 8.68 -19.38
N ALA C 55 -17.27 9.04 -20.46
CA ALA C 55 -17.79 10.06 -21.38
C ALA C 55 -19.10 9.60 -22.01
N LYS C 56 -19.17 8.32 -22.33
CA LYS C 56 -20.32 7.73 -22.98
C LYS C 56 -21.59 7.86 -22.14
N ASP C 57 -21.53 7.48 -20.87
CA ASP C 57 -22.70 7.57 -20.00
C ASP C 57 -23.08 9.03 -19.73
N THR C 58 -22.08 9.91 -19.65
CA THR C 58 -22.31 11.34 -19.48
C THR C 58 -23.05 11.89 -20.72
N GLU C 59 -22.64 11.47 -21.92
CA GLU C 59 -23.32 11.89 -23.13
C GLU C 59 -24.77 11.38 -23.14
N LYS C 60 -24.99 10.12 -22.77
CA LYS C 60 -26.36 9.63 -22.67
C LYS C 60 -27.16 10.45 -21.68
N LEU C 61 -26.57 10.76 -20.53
CA LEU C 61 -27.27 11.52 -19.49
C LEU C 61 -27.67 12.89 -20.04
N VAL C 62 -26.71 13.62 -20.59
CA VAL C 62 -27.00 14.95 -21.14
C VAL C 62 -28.05 14.88 -22.25
N THR C 63 -27.91 13.91 -23.15
CA THR C 63 -28.82 13.80 -24.29
C THR C 63 -30.26 13.65 -23.85
N TRP C 64 -30.49 12.81 -22.85
CA TRP C 64 -31.81 12.54 -22.34
C TRP C 64 -32.54 13.82 -21.94
N PHE C 65 -31.82 14.72 -21.29
CA PHE C 65 -32.44 15.96 -20.82
C PHE C 65 -32.51 17.03 -21.91
N VAL C 66 -31.52 17.03 -22.80
CA VAL C 66 -31.49 17.97 -23.93
C VAL C 66 -32.67 17.69 -24.86
N GLU C 67 -32.94 16.40 -25.08
CA GLU C 67 -34.03 15.95 -25.94
C GLU C 67 -35.42 16.22 -25.38
N ARG C 68 -35.49 16.50 -24.08
CA ARG C 68 -36.76 16.82 -23.44
C ARG C 68 -36.81 18.32 -23.20
N GLY C 69 -35.94 19.04 -23.91
CA GLY C 69 -35.96 20.50 -23.97
C GLY C 69 -35.27 21.29 -22.87
N TYR C 70 -34.31 20.66 -22.18
CA TYR C 70 -33.58 21.32 -21.09
C TYR C 70 -32.22 21.81 -21.53
N LYS C 71 -31.87 23.03 -21.16
CA LYS C 71 -30.48 23.45 -21.35
C LYS C 71 -29.65 22.86 -20.17
N ILE C 72 -28.48 22.28 -20.45
CA ILE C 72 -27.59 21.84 -19.37
C ILE C 72 -26.78 23.04 -18.91
N LYS C 73 -27.11 23.55 -17.74
CA LYS C 73 -26.52 24.79 -17.27
C LYS C 73 -25.14 24.59 -16.64
N GLY C 74 -24.93 23.42 -16.03
CA GLY C 74 -23.64 23.10 -15.43
C GLY C 74 -23.59 21.74 -14.75
N SER C 75 -22.38 21.32 -14.37
CA SER C 75 -22.22 20.14 -13.53
C SER C 75 -21.35 20.47 -12.35
N ILE C 76 -21.60 19.81 -11.24
CA ILE C 76 -20.73 19.92 -10.08
C ILE C 76 -20.33 18.50 -9.65
N SER C 77 -19.07 18.33 -9.28
CA SER C 77 -18.56 17.02 -8.89
C SER C 77 -18.33 16.96 -7.38
N SER C 78 -18.83 15.91 -6.73
CA SER C 78 -18.79 15.88 -5.27
C SER C 78 -17.38 15.57 -4.70
N HIS C 79 -16.54 14.88 -5.47
CA HIS C 79 -15.14 14.67 -5.08
C HIS C 79 -14.37 14.24 -6.32
N PHE C 80 -13.07 13.98 -6.19
CA PHE C 80 -12.26 13.88 -7.40
C PHE C 80 -12.30 12.53 -8.10
N HIS C 81 -12.75 11.48 -7.43
CA HIS C 81 -12.82 10.15 -8.08
C HIS C 81 -13.59 10.23 -9.40
N SER C 82 -13.23 9.34 -10.33
CA SER C 82 -13.85 9.30 -11.66
C SER C 82 -15.33 8.97 -11.62
N ASP C 83 -15.76 8.23 -10.61
CA ASP C 83 -17.19 8.01 -10.36
C ASP C 83 -17.97 9.32 -10.21
N SER C 84 -17.28 10.42 -9.95
CA SER C 84 -17.95 11.73 -9.85
C SER C 84 -17.49 12.73 -10.92
N THR C 85 -16.32 12.45 -11.51
CA THR C 85 -15.68 13.43 -12.39
C THR C 85 -15.37 12.94 -13.82
N GLY C 86 -15.67 11.67 -14.11
CA GLY C 86 -15.26 11.05 -15.37
C GLY C 86 -15.73 11.77 -16.63
N GLY C 87 -16.89 12.41 -16.56
CA GLY C 87 -17.46 13.06 -17.72
C GLY C 87 -17.08 14.52 -17.87
N ILE C 88 -16.21 15.03 -16.99
CA ILE C 88 -15.89 16.45 -17.02
C ILE C 88 -15.27 16.87 -18.37
N GLU C 89 -14.31 16.08 -18.84
CA GLU C 89 -13.65 16.35 -20.11
C GLU C 89 -14.68 16.48 -21.26
N TRP C 90 -15.63 15.56 -21.32
CA TRP C 90 -16.64 15.63 -22.37
C TRP C 90 -17.52 16.88 -22.21
N LEU C 91 -17.98 17.14 -21.00
CA LEU C 91 -18.81 18.31 -20.76
C LEU C 91 -18.08 19.59 -21.15
N ASN C 92 -16.79 19.69 -20.84
CA ASN C 92 -15.99 20.86 -21.26
C ASN C 92 -16.00 21.00 -22.78
N SER C 93 -15.82 19.87 -23.47
CA SER C 93 -15.76 19.85 -24.92
C SER C 93 -17.11 20.20 -25.55
N ARG C 94 -18.18 20.24 -24.76
CA ARG C 94 -19.46 20.72 -25.25
C ARG C 94 -19.74 22.13 -24.69
N SER C 95 -18.72 22.72 -24.09
CA SER C 95 -18.82 24.06 -23.50
C SER C 95 -19.95 24.15 -22.47
N ILE C 96 -20.18 23.05 -21.75
CA ILE C 96 -21.05 23.05 -20.59
C ILE C 96 -20.20 23.32 -19.34
N PRO C 97 -20.50 24.42 -18.60
CA PRO C 97 -19.72 24.80 -17.41
C PRO C 97 -19.61 23.67 -16.36
N THR C 98 -18.38 23.37 -15.96
CA THR C 98 -18.15 22.35 -14.95
C THR C 98 -17.60 22.98 -13.69
N TYR C 99 -18.09 22.49 -12.55
CA TYR C 99 -17.70 23.02 -11.24
C TYR C 99 -17.12 21.93 -10.34
N ALA C 100 -16.12 22.31 -9.56
CA ALA C 100 -15.56 21.47 -8.53
C ALA C 100 -14.94 22.39 -7.51
N SER C 101 -14.74 21.90 -6.29
CA SER C 101 -14.03 22.70 -5.32
C SER C 101 -12.59 22.85 -5.79
N GLU C 102 -11.96 23.89 -5.30
CA GLU C 102 -10.57 24.17 -5.53
C GLU C 102 -9.70 22.94 -5.22
N LEU C 103 -9.94 22.33 -4.07
CA LEU C 103 -9.20 21.13 -3.69
C LEU C 103 -9.47 19.96 -4.64
N THR C 104 -10.74 19.74 -5.02
CA THR C 104 -11.03 18.70 -6.02
C THR C 104 -10.21 18.93 -7.30
N ASN C 105 -10.18 20.17 -7.80
CA ASN C 105 -9.41 20.45 -9.01
C ASN C 105 -7.91 20.21 -8.85
N GLU C 106 -7.35 20.49 -7.67
CA GLU C 106 -5.94 20.19 -7.44
C GLU C 106 -5.71 18.69 -7.50
N LEU C 107 -6.61 17.93 -6.88
CA LEU C 107 -6.48 16.48 -6.87
C LEU C 107 -6.63 15.88 -8.27
N LEU C 108 -7.55 16.41 -9.09
CA LEU C 108 -7.66 16.00 -10.49
C LEU C 108 -6.34 16.25 -11.21
N LYS C 109 -5.79 17.43 -10.99
CA LYS C 109 -4.52 17.84 -11.58
C LYS C 109 -3.37 16.92 -11.15
N LYS C 110 -3.32 16.60 -9.86
CA LYS C 110 -2.27 15.74 -9.36
C LYS C 110 -2.35 14.36 -10.02
N ASP C 111 -3.56 13.92 -10.31
CA ASP C 111 -3.79 12.67 -11.03
C ASP C 111 -3.73 12.77 -12.55
N GLY C 112 -3.41 13.95 -13.07
CA GLY C 112 -3.33 14.12 -14.51
C GLY C 112 -4.68 14.00 -15.20
N LYS C 113 -5.76 14.32 -14.49
CA LYS C 113 -7.08 14.29 -15.10
C LYS C 113 -7.52 15.69 -15.47
N VAL C 114 -8.47 15.77 -16.41
CA VAL C 114 -8.99 17.06 -16.82
C VAL C 114 -9.72 17.72 -15.66
N GLN C 115 -9.45 19.00 -15.47
CA GLN C 115 -10.06 19.77 -14.39
C GLN C 115 -11.39 20.41 -14.81
N ALA C 116 -12.19 20.76 -13.80
CA ALA C 116 -13.40 21.55 -14.01
C ALA C 116 -13.05 23.00 -14.40
N THR C 117 -13.92 23.66 -15.16
CA THR C 117 -13.56 24.99 -15.62
C THR C 117 -13.84 26.05 -14.59
N ASN C 118 -14.69 25.73 -13.63
CA ASN C 118 -15.01 26.69 -12.56
C ASN C 118 -14.73 26.04 -11.22
N SER C 119 -14.11 26.78 -10.33
CA SER C 119 -13.89 26.23 -9.01
C SER C 119 -14.49 27.13 -7.94
N PHE C 120 -14.78 26.53 -6.80
CA PHE C 120 -15.29 27.25 -5.65
C PHE C 120 -14.49 26.82 -4.44
N SER C 121 -14.41 27.72 -3.48
CA SER C 121 -13.78 27.43 -2.23
C SER C 121 -14.74 27.84 -1.14
N GLY C 122 -14.51 27.34 0.06
CA GLY C 122 -15.34 27.68 1.19
C GLY C 122 -16.20 26.53 1.64
N VAL C 123 -16.84 26.72 2.78
CA VAL C 123 -17.50 25.66 3.47
C VAL C 123 -18.89 25.53 2.89
N ASN C 124 -19.48 26.67 2.56
CA ASN C 124 -20.80 26.74 1.94
C ASN C 124 -20.70 27.48 0.61
N TYR C 125 -21.44 26.98 -0.37
CA TYR C 125 -21.43 27.55 -1.69
C TYR C 125 -22.76 27.29 -2.35
N TRP C 126 -23.32 28.35 -2.93
CA TRP C 126 -24.53 28.21 -3.74
C TRP C 126 -24.16 27.97 -5.19
N LEU C 127 -24.42 26.77 -5.68
CA LEU C 127 -24.32 26.56 -7.12
C LEU C 127 -25.43 27.37 -7.78
N VAL C 128 -26.60 27.33 -7.17
CA VAL C 128 -27.77 28.11 -7.53
C VAL C 128 -28.46 28.64 -6.29
N LYS C 129 -28.47 29.96 -6.11
CA LYS C 129 -29.01 30.59 -4.90
C LYS C 129 -30.41 30.07 -4.53
N ASN C 130 -30.57 29.69 -3.27
CA ASN C 130 -31.85 29.18 -2.74
C ASN C 130 -32.31 27.85 -3.34
N LYS C 131 -31.52 27.24 -4.20
CA LYS C 131 -31.96 26.01 -4.86
C LYS C 131 -30.99 24.84 -4.78
N ILE C 132 -29.71 25.12 -5.03
CA ILE C 132 -28.70 24.09 -4.96
C ILE C 132 -27.50 24.58 -4.16
N GLU C 133 -27.32 24.00 -2.97
CA GLU C 133 -26.26 24.40 -2.06
C GLU C 133 -25.22 23.27 -1.90
N VAL C 134 -23.96 23.68 -1.81
CA VAL C 134 -22.85 22.75 -1.62
C VAL C 134 -22.27 22.97 -0.24
N PHE C 135 -21.97 21.89 0.46
CA PHE C 135 -21.47 21.96 1.81
C PHE C 135 -20.29 21.01 2.00
N TYR C 136 -19.24 21.51 2.63
CA TYR C 136 -18.05 20.77 2.95
C TYR C 136 -18.02 20.42 4.44
N PRO C 137 -18.30 19.14 4.76
CA PRO C 137 -18.36 18.75 6.18
C PRO C 137 -17.00 18.49 6.79
N GLY C 138 -15.98 18.39 5.96
CA GLY C 138 -14.66 18.00 6.42
C GLY C 138 -14.29 16.72 5.69
N PRO C 139 -13.02 16.28 5.81
CA PRO C 139 -12.53 15.09 5.12
C PRO C 139 -13.26 13.82 5.57
N GLY C 140 -13.39 12.86 4.66
CA GLY C 140 -14.04 11.60 4.97
C GLY C 140 -13.59 10.55 3.98
N HIS C 141 -14.50 10.16 3.10
CA HIS C 141 -14.21 9.28 1.98
C HIS C 141 -13.00 9.76 1.18
N THR C 142 -12.93 11.08 1.00
CA THR C 142 -11.75 11.75 0.45
C THR C 142 -11.56 13.07 1.19
N PRO C 143 -10.37 13.68 1.04
CA PRO C 143 -10.13 14.98 1.70
C PRO C 143 -11.05 16.09 1.16
N ASP C 144 -11.52 15.91 -0.07
CA ASP C 144 -12.28 16.97 -0.75
C ASP C 144 -13.81 16.73 -0.80
N ASN C 145 -14.33 15.63 -0.22
CA ASN C 145 -15.73 15.35 -0.48
C ASN C 145 -16.70 16.47 -0.02
N VAL C 146 -17.66 16.78 -0.89
CA VAL C 146 -18.70 17.70 -0.51
C VAL C 146 -20.06 17.05 -0.73
N VAL C 147 -21.07 17.62 -0.09
CA VAL C 147 -22.43 17.14 -0.24
C VAL C 147 -23.28 18.26 -0.88
N VAL C 148 -24.42 17.90 -1.45
CA VAL C 148 -25.24 18.87 -2.11
C VAL C 148 -26.63 18.83 -1.51
N TRP C 149 -27.12 20.00 -1.16
CA TRP C 149 -28.36 20.17 -0.44
C TRP C 149 -29.34 20.97 -1.31
N LEU C 150 -30.55 20.43 -1.42
CA LEU C 150 -31.64 21.06 -2.15
C LEU C 150 -32.73 21.51 -1.16
N PRO C 151 -32.64 22.76 -0.69
CA PRO C 151 -33.52 23.30 0.37
C PRO C 151 -35.02 23.25 0.04
N GLU C 152 -35.39 23.47 -1.22
CA GLU C 152 -36.82 23.47 -1.58
C GLU C 152 -37.44 22.08 -1.43
N ARG C 153 -36.63 21.03 -1.53
CA ARG C 153 -37.14 19.66 -1.45
C ARG C 153 -36.68 18.91 -0.20
N LYS C 154 -35.80 19.52 0.58
CA LYS C 154 -35.14 18.87 1.72
C LYS C 154 -34.42 17.57 1.31
N ILE C 155 -33.75 17.63 0.16
CA ILE C 155 -32.98 16.48 -0.29
C ILE C 155 -31.48 16.69 -0.15
N LEU C 156 -30.83 15.70 0.43
CA LEU C 156 -29.40 15.77 0.57
C LEU C 156 -28.75 14.69 -0.29
N PHE C 157 -27.92 15.10 -1.23
CA PHE C 157 -27.08 14.18 -1.96
C PHE C 157 -25.77 14.02 -1.20
N GLY C 158 -25.54 12.84 -0.65
CA GLY C 158 -24.37 12.66 0.19
C GLY C 158 -23.16 12.11 -0.56
N GLY C 159 -23.40 11.58 -1.76
CA GLY C 159 -22.33 11.00 -2.54
C GLY C 159 -21.63 9.89 -1.78
N CYS C 160 -20.32 9.79 -1.92
CA CYS C 160 -19.60 8.69 -1.27
C CYS C 160 -19.25 8.99 0.18
N PHE C 161 -19.67 10.16 0.67
CA PHE C 161 -19.46 10.48 2.07
C PHE C 161 -20.46 9.72 2.92
N ILE C 162 -21.68 9.56 2.38
CA ILE C 162 -22.75 8.84 3.05
C ILE C 162 -22.59 7.32 2.85
N LYS C 163 -22.29 6.62 3.94
CA LYS C 163 -21.93 5.22 3.90
C LYS C 163 -22.60 4.52 5.06
N PRO C 164 -23.91 4.32 4.96
CA PRO C 164 -24.73 3.78 6.05
C PRO C 164 -24.38 2.32 6.38
N TYR C 165 -23.93 1.55 5.38
CA TYR C 165 -23.65 0.13 5.59
C TYR C 165 -22.20 -0.27 5.46
N GLY C 166 -21.28 0.58 5.86
CA GLY C 166 -19.86 0.28 5.70
C GLY C 166 -19.23 1.36 4.85
N LEU C 167 -17.99 1.71 5.19
CA LEU C 167 -17.30 2.86 4.60
C LEU C 167 -16.81 2.64 3.18
N GLY C 168 -16.82 1.39 2.72
CA GLY C 168 -16.31 1.08 1.39
C GLY C 168 -14.80 1.21 1.27
N ASN C 169 -14.34 1.65 0.11
CA ASN C 169 -12.90 1.78 -0.18
C ASN C 169 -12.21 2.95 0.56
N LEU C 170 -11.26 2.65 1.45
CA LEU C 170 -10.61 3.71 2.27
C LEU C 170 -9.29 4.16 1.68
N GLY C 171 -9.06 3.82 0.41
CA GLY C 171 -7.81 4.12 -0.28
C GLY C 171 -7.37 5.57 -0.17
N ASP C 172 -8.31 6.50 -0.29
CA ASP C 172 -8.01 7.94 -0.21
C ASP C 172 -8.71 8.57 0.99
N ALA C 173 -9.20 7.74 1.90
CA ALA C 173 -10.01 8.28 2.98
C ALA C 173 -9.16 8.91 4.09
N ASN C 174 -9.82 9.71 4.92
CA ASN C 174 -9.21 10.25 6.14
C ASN C 174 -10.08 9.67 7.25
N ILE C 175 -9.69 8.50 7.71
CA ILE C 175 -10.48 7.76 8.69
C ILE C 175 -10.48 8.52 10.05
N GLU C 176 -9.40 9.25 10.36
CA GLU C 176 -9.30 9.99 11.61
C GLU C 176 -10.34 11.12 11.69
N ALA C 177 -10.62 11.72 10.54
CA ALA C 177 -11.44 12.92 10.50
C ALA C 177 -12.91 12.63 10.24
N TRP C 178 -13.19 11.47 9.62
CA TRP C 178 -14.53 11.16 9.15
C TRP C 178 -15.59 11.20 10.26
N PRO C 179 -15.28 10.68 11.46
CA PRO C 179 -16.32 10.76 12.51
C PRO C 179 -16.71 12.20 12.84
N LYS C 180 -15.73 13.07 13.01
CA LYS C 180 -16.02 14.47 13.30
C LYS C 180 -16.78 15.10 12.14
N SER C 181 -16.33 14.85 10.91
CA SER C 181 -17.05 15.36 9.74
C SER C 181 -18.48 14.84 9.65
N ALA C 182 -18.67 13.57 10.02
CA ALA C 182 -20.00 12.96 9.94
C ALA C 182 -20.92 13.54 11.01
N LYS C 183 -20.34 13.82 12.17
CA LYS C 183 -21.09 14.44 13.26
C LYS C 183 -21.59 15.82 12.83
N LEU C 184 -20.70 16.60 12.24
CA LEU C 184 -21.05 17.95 11.73
C LEU C 184 -22.15 17.86 10.68
N LEU C 185 -22.05 16.87 9.78
CA LEU C 185 -23.05 16.68 8.73
C LEU C 185 -24.39 16.31 9.33
N LYS C 186 -24.37 15.37 10.28
CA LYS C 186 -25.59 15.00 10.98
C LYS C 186 -26.23 16.23 11.68
N SER C 187 -25.42 17.06 12.34
CA SER C 187 -25.92 18.27 13.01
C SER C 187 -26.60 19.19 12.02
N LYS C 188 -25.96 19.40 10.89
CA LYS C 188 -26.46 20.37 9.93
C LYS C 188 -27.74 19.93 9.17
N TYR C 189 -27.90 18.64 8.89
CA TYR C 189 -28.99 18.19 8.03
C TYR C 189 -29.93 17.14 8.63
N GLY C 190 -30.04 17.11 9.95
CA GLY C 190 -30.90 16.16 10.63
C GLY C 190 -32.34 16.19 10.15
N LYS C 191 -32.79 17.32 9.61
CA LYS C 191 -34.16 17.41 9.18
C LYS C 191 -34.37 17.09 7.69
N ALA C 192 -33.37 16.51 7.04
CA ALA C 192 -33.49 16.11 5.64
C ALA C 192 -34.63 15.11 5.45
N LYS C 193 -35.40 15.30 4.38
CA LYS C 193 -36.45 14.37 4.02
C LYS C 193 -35.90 13.12 3.32
N LEU C 194 -34.95 13.33 2.41
CA LEU C 194 -34.32 12.24 1.66
C LEU C 194 -32.83 12.44 1.64
N VAL C 195 -32.09 11.35 1.85
CA VAL C 195 -30.65 11.35 1.73
C VAL C 195 -30.25 10.36 0.65
N VAL C 196 -29.46 10.82 -0.33
CA VAL C 196 -29.05 9.97 -1.46
C VAL C 196 -27.56 9.62 -1.41
N PRO C 197 -27.24 8.36 -1.10
CA PRO C 197 -25.83 7.92 -1.10
C PRO C 197 -25.37 7.61 -2.53
N SER C 198 -24.07 7.44 -2.73
CA SER C 198 -23.53 7.09 -4.04
C SER C 198 -23.80 5.63 -4.45
N HIS C 199 -23.73 4.71 -3.49
CA HIS C 199 -23.66 3.28 -3.83
C HIS C 199 -24.72 2.40 -3.14
N SER C 200 -25.75 3.02 -2.56
CA SER C 200 -26.86 2.27 -1.97
C SER C 200 -28.15 3.10 -2.09
N GLU C 201 -29.28 2.53 -1.69
CA GLU C 201 -30.59 3.17 -1.95
C GLU C 201 -30.89 4.41 -1.11
N VAL C 202 -31.77 5.25 -1.65
CA VAL C 202 -32.22 6.44 -0.94
C VAL C 202 -32.92 6.08 0.37
N GLY C 203 -32.62 6.84 1.41
CA GLY C 203 -33.27 6.66 2.70
C GLY C 203 -33.64 8.01 3.27
N ASP C 204 -33.90 8.07 4.57
CA ASP C 204 -34.17 9.35 5.21
C ASP C 204 -32.98 9.77 6.06
N ALA C 205 -33.18 10.76 6.92
CA ALA C 205 -32.08 11.37 7.67
C ALA C 205 -31.31 10.37 8.53
N SER C 206 -31.92 9.21 8.81
CA SER C 206 -31.28 8.18 9.61
C SER C 206 -29.98 7.69 8.94
N LEU C 207 -29.88 7.85 7.62
CA LEU C 207 -28.63 7.48 6.93
C LEU C 207 -27.46 8.32 7.47
N LEU C 208 -27.75 9.51 7.99
CA LEU C 208 -26.71 10.37 8.58
C LEU C 208 -26.21 9.80 9.91
N LYS C 209 -27.14 9.27 10.70
CA LYS C 209 -26.80 8.59 11.96
C LYS C 209 -25.94 7.34 11.68
N LEU C 210 -26.39 6.52 10.75
CA LEU C 210 -25.68 5.29 10.39
C LEU C 210 -24.31 5.62 9.84
N THR C 211 -24.22 6.68 9.04
CA THR C 211 -22.89 7.08 8.54
C THR C 211 -21.95 7.45 9.69
N LEU C 212 -22.44 8.20 10.68
CA LEU C 212 -21.62 8.55 11.85
C LEU C 212 -21.17 7.28 12.57
N GLU C 213 -22.10 6.35 12.78
CA GLU C 213 -21.73 5.11 13.46
C GLU C 213 -20.68 4.31 12.67
N GLN C 214 -20.87 4.23 11.35
CA GLN C 214 -19.93 3.51 10.50
C GLN C 214 -18.55 4.19 10.52
N ALA C 215 -18.53 5.52 10.56
CA ALA C 215 -17.24 6.21 10.56
C ALA C 215 -16.51 5.91 11.88
N VAL C 216 -17.23 6.02 12.98
CA VAL C 216 -16.68 5.75 14.31
C VAL C 216 -16.15 4.31 14.35
N LYS C 217 -17.00 3.38 13.91
CA LYS C 217 -16.65 1.96 13.92
C LYS C 217 -15.45 1.64 13.04
N GLY C 218 -15.31 2.37 11.94
CA GLY C 218 -14.17 2.15 11.05
C GLY C 218 -12.86 2.65 11.63
N LEU C 219 -12.91 3.77 12.35
CA LEU C 219 -11.69 4.29 12.98
C LEU C 219 -11.26 3.31 14.07
N ASN C 220 -12.25 2.85 14.85
CA ASN C 220 -12.03 1.85 15.89
C ASN C 220 -11.38 0.58 15.35
N GLU C 221 -11.96 0.03 14.27
CA GLU C 221 -11.41 -1.17 13.67
C GLU C 221 -9.97 -0.99 13.22
N SER C 222 -9.57 0.25 12.93
CA SER C 222 -8.20 0.52 12.46
C SER C 222 -7.18 0.62 13.60
N LYS C 223 -7.67 0.53 14.83
CA LYS C 223 -6.80 0.65 15.98
C LYS C 223 -6.83 -0.64 16.79
N LYS C 224 -7.64 -1.60 16.36
CA LYS C 224 -7.62 -2.93 16.96
C LYS C 224 -6.32 -3.64 16.59
N PRO C 225 -6.00 -4.71 17.31
CA PRO C 225 -4.89 -5.61 16.96
C PRO C 225 -5.27 -6.53 15.81
N SER C 226 -4.29 -6.96 15.02
CA SER C 226 -4.55 -7.96 13.98
C SER C 226 -4.63 -9.36 14.58
N LYS C 227 -5.00 -10.33 13.76
CA LYS C 227 -5.28 -11.68 14.25
C LYS C 227 -4.34 -12.71 13.62
N LEU D 6 -0.46 21.29 13.36
CA LEU D 6 0.91 20.83 13.14
C LEU D 6 1.44 19.99 14.28
N PRO D 7 2.30 19.02 13.95
CA PRO D 7 3.08 18.15 14.85
C PRO D 7 4.05 18.96 15.74
N ASP D 8 4.31 18.48 16.94
CA ASP D 8 5.25 19.16 17.82
C ASP D 8 6.68 19.03 17.31
N LEU D 9 7.51 19.99 17.69
CA LEU D 9 8.95 19.97 17.44
C LEU D 9 9.54 18.63 17.83
N LYS D 10 10.38 18.08 16.96
CA LYS D 10 11.01 16.80 17.19
C LYS D 10 12.52 16.96 17.37
N ILE D 11 13.09 16.19 18.29
CA ILE D 11 14.53 16.16 18.50
C ILE D 11 15.01 14.72 18.49
N GLU D 12 15.94 14.39 17.60
CA GLU D 12 16.42 13.03 17.44
C GLU D 12 17.94 13.00 17.39
N LYS D 13 18.56 12.10 18.13
CA LYS D 13 20.00 11.97 18.05
C LYS D 13 20.36 11.51 16.63
N LEU D 14 21.44 12.05 16.08
CA LEU D 14 21.89 11.68 14.74
C LEU D 14 23.26 11.03 14.84
N ASP D 15 24.00 11.45 15.85
CA ASP D 15 25.37 11.00 16.07
C ASP D 15 25.84 11.57 17.39
N GLU D 16 27.04 11.19 17.82
CA GLU D 16 27.57 11.69 19.07
C GLU D 16 27.69 13.20 19.01
N GLY D 17 27.01 13.87 19.94
CA GLY D 17 27.04 15.32 20.01
C GLY D 17 26.36 15.99 18.83
N VAL D 18 25.49 15.24 18.13
CA VAL D 18 24.76 15.78 17.00
C VAL D 18 23.28 15.39 17.03
N TYR D 19 22.40 16.39 17.08
CA TYR D 19 20.96 16.14 17.07
C TYR D 19 20.27 16.84 15.90
N VAL D 20 19.20 16.25 15.41
CA VAL D 20 18.35 16.86 14.40
C VAL D 20 17.06 17.39 15.01
N HIS D 21 16.80 18.68 14.86
CA HIS D 21 15.54 19.23 15.32
C HIS D 21 14.65 19.46 14.12
N THR D 22 13.38 19.09 14.26
CA THR D 22 12.46 19.22 13.16
C THR D 22 11.23 19.99 13.59
N SER D 23 10.92 21.04 12.85
CA SER D 23 9.76 21.85 13.10
C SER D 23 8.86 21.75 11.87
N PHE D 24 7.60 22.18 11.98
CA PHE D 24 6.62 21.91 10.93
C PHE D 24 5.79 23.14 10.60
N GLU D 25 5.52 23.33 9.32
CA GLU D 25 4.74 24.48 8.88
C GLU D 25 3.88 24.12 7.67
N GLU D 26 2.75 24.82 7.53
CA GLU D 26 1.87 24.57 6.39
C GLU D 26 2.28 25.42 5.18
N VAL D 27 2.49 24.75 4.06
CA VAL D 27 2.60 25.44 2.78
C VAL D 27 1.36 25.11 1.96
N ASN D 28 0.86 26.11 1.25
CA ASN D 28 -0.38 25.99 0.46
C ASN D 28 -0.32 24.88 -0.61
N GLY D 29 -1.17 23.86 -0.44
CA GLY D 29 -1.23 22.73 -1.36
C GLY D 29 -0.16 21.64 -1.17
N TRP D 30 0.69 21.80 -0.16
CA TRP D 30 1.80 20.87 0.06
C TRP D 30 1.62 20.17 1.41
N GLY D 31 0.62 20.63 2.15
CA GLY D 31 0.33 20.07 3.45
C GLY D 31 1.43 20.41 4.44
N VAL D 32 1.64 19.54 5.41
CA VAL D 32 2.62 19.79 6.45
C VAL D 32 4.04 19.40 5.99
N VAL D 33 4.90 20.42 5.91
CA VAL D 33 6.28 20.29 5.47
C VAL D 33 7.22 20.43 6.62
N PRO D 34 8.11 19.46 6.78
CA PRO D 34 9.15 19.47 7.82
C PRO D 34 10.30 20.42 7.46
N LYS D 35 10.93 20.97 8.49
CA LYS D 35 12.16 21.74 8.37
C LYS D 35 13.18 21.20 9.37
N HIS D 36 14.25 20.62 8.85
CA HIS D 36 15.31 20.07 9.70
C HIS D 36 16.44 21.07 9.96
N GLY D 37 16.92 21.08 11.19
CA GLY D 37 18.14 21.77 11.57
C GLY D 37 18.98 20.86 12.46
N LEU D 38 20.10 21.36 12.96
CA LEU D 38 20.94 20.58 13.86
C LEU D 38 21.17 21.29 15.19
N VAL D 39 21.49 20.52 16.22
CA VAL D 39 22.10 21.08 17.41
C VAL D 39 23.42 20.34 17.59
N VAL D 40 24.53 21.07 17.64
CA VAL D 40 25.85 20.45 17.76
C VAL D 40 26.47 20.67 19.14
N LEU D 41 27.00 19.59 19.71
CA LEU D 41 27.62 19.66 21.03
C LEU D 41 29.15 19.67 20.96
N VAL D 42 29.73 20.73 21.49
CA VAL D 42 31.18 20.89 21.59
C VAL D 42 31.58 21.13 23.05
N ASN D 43 32.38 20.22 23.59
CA ASN D 43 32.64 20.13 25.03
C ASN D 43 31.34 19.92 25.81
N ALA D 44 30.82 20.99 26.41
CA ALA D 44 29.56 20.91 27.14
C ALA D 44 28.65 22.05 26.70
N GLU D 45 28.93 22.56 25.50
CA GLU D 45 28.17 23.66 24.94
C GLU D 45 27.42 23.28 23.66
N ALA D 46 26.22 23.85 23.50
CA ALA D 46 25.36 23.52 22.37
C ALA D 46 25.32 24.65 21.35
N TYR D 47 25.34 24.27 20.08
CA TYR D 47 25.25 25.20 18.96
C TYR D 47 24.06 24.90 18.04
N LEU D 48 23.21 25.88 17.80
CA LEU D 48 22.09 25.73 16.88
C LEU D 48 22.50 25.93 15.42
N ILE D 49 22.28 24.92 14.59
CA ILE D 49 22.42 25.08 13.16
C ILE D 49 21.02 25.30 12.58
N ASP D 50 20.73 26.55 12.25
CA ASP D 50 19.39 27.01 11.88
C ASP D 50 18.45 27.06 13.07
N THR D 51 17.59 28.08 13.09
CA THR D 51 16.53 28.16 14.09
C THR D 51 15.24 27.61 13.48
N PRO D 52 14.35 27.06 14.32
CA PRO D 52 13.00 26.75 13.83
C PRO D 52 12.34 28.01 13.31
N PHE D 53 11.23 27.87 12.56
CA PHE D 53 10.53 29.03 12.04
C PHE D 53 10.10 29.98 13.14
N THR D 54 9.62 29.44 14.27
CA THR D 54 8.98 30.28 15.26
C THR D 54 9.81 30.48 16.52
N ALA D 55 9.51 31.56 17.22
CA ALA D 55 10.12 31.84 18.50
C ALA D 55 9.76 30.77 19.51
N LYS D 56 8.52 30.30 19.44
CA LYS D 56 7.98 29.31 20.37
C LYS D 56 8.80 28.02 20.25
N ASP D 57 9.01 27.59 19.02
CA ASP D 57 9.78 26.37 18.75
C ASP D 57 11.26 26.54 19.10
N THR D 58 11.79 27.76 18.91
CA THR D 58 13.17 28.05 19.28
C THR D 58 13.38 27.92 20.78
N GLU D 59 12.45 28.52 21.54
CA GLU D 59 12.51 28.43 22.99
C GLU D 59 12.36 26.99 23.43
N LYS D 60 11.42 26.29 22.80
CA LYS D 60 11.22 24.86 23.08
C LYS D 60 12.55 24.12 22.87
N LEU D 61 13.19 24.41 21.74
CA LEU D 61 14.45 23.77 21.38
C LEU D 61 15.55 24.06 22.38
N VAL D 62 15.76 25.35 22.64
CA VAL D 62 16.77 25.77 23.59
C VAL D 62 16.44 25.23 24.98
N THR D 63 15.18 25.37 25.38
CA THR D 63 14.77 24.95 26.72
C THR D 63 15.18 23.49 26.93
N TRP D 64 14.94 22.68 25.90
CA TRP D 64 15.23 21.25 25.93
C TRP D 64 16.69 21.01 26.29
N PHE D 65 17.59 21.79 25.70
CA PHE D 65 19.02 21.60 25.96
C PHE D 65 19.55 22.29 27.21
N VAL D 66 18.97 23.43 27.58
CA VAL D 66 19.35 24.10 28.81
C VAL D 66 18.96 23.24 30.01
N GLU D 67 17.76 22.67 29.94
CA GLU D 67 17.21 21.84 31.01
C GLU D 67 17.94 20.51 31.13
N ARG D 68 18.74 20.15 30.13
CA ARG D 68 19.54 18.93 30.18
C ARG D 68 21.03 19.21 30.41
N GLY D 69 21.34 20.41 30.92
CA GLY D 69 22.67 20.77 31.36
C GLY D 69 23.68 21.30 30.35
N TYR D 70 23.19 21.83 29.23
CA TYR D 70 24.04 22.43 28.19
C TYR D 70 23.93 23.95 28.04
N LYS D 71 25.07 24.63 27.95
CA LYS D 71 25.09 26.04 27.59
C LYS D 71 24.81 26.23 26.10
N ILE D 72 23.92 27.16 25.77
CA ILE D 72 23.69 27.53 24.38
C ILE D 72 24.64 28.66 23.98
N LYS D 73 25.71 28.33 23.26
CA LYS D 73 26.69 29.34 22.90
C LYS D 73 26.31 30.16 21.65
N GLY D 74 25.58 29.57 20.72
CA GLY D 74 25.16 30.34 19.57
C GLY D 74 24.32 29.63 18.54
N SER D 75 23.78 30.41 17.62
CA SER D 75 23.08 29.88 16.46
C SER D 75 23.65 30.50 15.20
N ILE D 76 23.67 29.70 14.14
CA ILE D 76 24.05 30.16 12.83
C ILE D 76 22.92 29.81 11.87
N SER D 77 22.56 30.75 11.01
CA SER D 77 21.47 30.57 10.08
C SER D 77 22.07 30.39 8.68
N SER D 78 21.58 29.37 7.97
CA SER D 78 22.14 28.95 6.68
C SER D 78 21.73 29.86 5.53
N HIS D 79 20.60 30.55 5.67
CA HIS D 79 20.16 31.53 4.70
C HIS D 79 19.08 32.38 5.33
N PHE D 80 18.53 33.32 4.57
CA PHE D 80 17.74 34.34 5.25
C PHE D 80 16.28 33.97 5.52
N HIS D 81 15.74 32.98 4.80
CA HIS D 81 14.34 32.56 4.99
C HIS D 81 14.04 32.27 6.44
N SER D 82 12.80 32.56 6.83
CA SER D 82 12.34 32.41 8.21
C SER D 82 12.53 30.99 8.74
N ASP D 83 12.54 30.02 7.85
CA ASP D 83 12.79 28.63 8.20
CA ASP D 83 12.76 28.65 8.27
C ASP D 83 14.16 28.43 8.82
N SER D 84 15.07 29.39 8.60
CA SER D 84 16.43 29.32 9.15
C SER D 84 16.69 30.41 10.16
N THR D 85 15.89 31.47 10.11
CA THR D 85 16.15 32.68 10.88
C THR D 85 15.05 33.11 11.86
N GLY D 86 13.97 32.35 11.91
CA GLY D 86 12.79 32.74 12.68
C GLY D 86 13.05 33.02 14.14
N GLY D 87 14.01 32.31 14.73
CA GLY D 87 14.32 32.46 16.14
C GLY D 87 15.41 33.45 16.50
N ILE D 88 15.94 34.15 15.50
CA ILE D 88 17.07 35.04 15.72
C ILE D 88 16.72 36.17 16.70
N GLU D 89 15.59 36.82 16.47
CA GLU D 89 15.11 37.88 17.33
C GLU D 89 14.99 37.39 18.79
N TRP D 90 14.42 36.21 18.98
CA TRP D 90 14.23 35.65 20.32
C TRP D 90 15.58 35.39 20.98
N LEU D 91 16.49 34.79 20.22
CA LEU D 91 17.86 34.50 20.68
C LEU D 91 18.62 35.78 21.06
N ASN D 92 18.44 36.83 20.28
CA ASN D 92 19.05 38.13 20.58
C ASN D 92 18.59 38.66 21.95
N SER D 93 17.27 38.66 22.16
CA SER D 93 16.68 39.19 23.38
C SER D 93 17.05 38.34 24.61
N ARG D 94 17.60 37.15 24.36
CA ARG D 94 18.13 36.31 25.43
C ARG D 94 19.65 36.42 25.50
N SER D 95 20.22 37.36 24.73
CA SER D 95 21.66 37.56 24.70
C SER D 95 22.43 36.27 24.33
N ILE D 96 21.83 35.47 23.47
CA ILE D 96 22.55 34.36 22.85
C ILE D 96 23.14 34.82 21.51
N PRO D 97 24.47 34.67 21.35
CA PRO D 97 25.11 35.09 20.10
C PRO D 97 24.45 34.46 18.87
N THR D 98 24.03 35.29 17.93
CA THR D 98 23.43 34.79 16.70
C THR D 98 24.37 35.09 15.53
N TYR D 99 24.49 34.15 14.62
CA TYR D 99 25.43 34.29 13.52
C TYR D 99 24.70 34.16 12.18
N ALA D 100 25.12 34.95 11.20
CA ALA D 100 24.62 34.86 9.82
C ALA D 100 25.70 35.39 8.90
N SER D 101 25.66 35.01 7.62
CA SER D 101 26.61 35.58 6.68
C SER D 101 26.29 37.06 6.49
N GLU D 102 27.27 37.81 6.02
CA GLU D 102 27.09 39.21 5.66
C GLU D 102 25.90 39.39 4.72
N LEU D 103 25.88 38.60 3.66
CA LEU D 103 24.80 38.69 2.67
C LEU D 103 23.44 38.31 3.29
N THR D 104 23.42 37.27 4.13
CA THR D 104 22.19 36.87 4.81
C THR D 104 21.61 38.02 5.63
N ASN D 105 22.48 38.67 6.40
CA ASN D 105 22.07 39.83 7.18
C ASN D 105 21.64 40.97 6.27
N GLU D 106 22.26 41.05 5.10
CA GLU D 106 21.88 42.04 4.11
C GLU D 106 20.45 41.77 3.61
N LEU D 107 20.18 40.52 3.24
CA LEU D 107 18.86 40.13 2.74
C LEU D 107 17.81 40.22 3.83
N LEU D 108 18.16 39.87 5.07
CA LEU D 108 17.24 40.07 6.18
C LEU D 108 16.88 41.54 6.28
N LYS D 109 17.88 42.40 6.15
CA LYS D 109 17.70 43.84 6.26
C LYS D 109 16.70 44.41 5.23
N LYS D 110 16.88 44.02 3.97
CA LYS D 110 16.02 44.44 2.85
C LYS D 110 14.59 43.90 2.97
N ASP D 111 14.47 42.71 3.55
CA ASP D 111 13.18 42.07 3.76
C ASP D 111 12.58 42.55 5.07
N GLY D 112 13.25 43.51 5.71
CA GLY D 112 12.78 44.11 6.95
C GLY D 112 12.75 43.20 8.16
N LYS D 113 13.61 42.19 8.17
CA LYS D 113 13.67 41.23 9.27
C LYS D 113 14.83 41.55 10.22
N VAL D 114 14.77 41.04 11.45
CA VAL D 114 15.83 41.23 12.43
C VAL D 114 17.13 40.48 12.06
N GLN D 115 18.28 41.15 12.24
CA GLN D 115 19.57 40.56 11.87
C GLN D 115 20.29 39.81 12.99
N ALA D 116 21.19 38.90 12.64
CA ALA D 116 22.08 38.30 13.63
C ALA D 116 23.13 39.33 14.12
N THR D 117 23.62 39.15 15.34
CA THR D 117 24.56 40.09 15.96
C THR D 117 26.03 39.83 15.58
N ASN D 118 26.30 38.69 14.99
CA ASN D 118 27.63 38.36 14.49
C ASN D 118 27.48 38.05 13.02
N SER D 119 28.33 38.63 12.18
CA SER D 119 28.25 38.28 10.77
C SER D 119 29.60 37.75 10.30
N PHE D 120 29.58 36.92 9.28
CA PHE D 120 30.81 36.40 8.73
C PHE D 120 30.68 36.58 7.22
N SER D 121 31.81 36.77 6.57
CA SER D 121 31.87 36.93 5.13
C SER D 121 33.00 36.09 4.60
N GLY D 122 33.04 35.87 3.29
CA GLY D 122 34.11 35.07 2.78
C GLY D 122 33.52 33.72 2.48
N VAL D 123 34.34 32.82 1.96
CA VAL D 123 33.91 31.50 1.54
C VAL D 123 33.95 30.49 2.69
N ASN D 124 34.93 30.65 3.58
CA ASN D 124 35.08 29.74 4.71
C ASN D 124 35.01 30.48 6.02
N TYR D 125 34.48 29.83 7.04
CA TYR D 125 34.43 30.42 8.37
C TYR D 125 34.37 29.31 9.38
N TRP D 126 35.28 29.36 10.35
CA TRP D 126 35.25 28.39 11.43
C TRP D 126 34.50 29.01 12.61
N LEU D 127 33.27 28.57 12.85
CA LEU D 127 32.56 28.96 14.04
C LEU D 127 33.22 28.35 15.28
N VAL D 128 33.62 27.09 15.15
CA VAL D 128 34.40 26.40 16.18
C VAL D 128 35.48 25.62 15.43
N LYS D 129 36.73 26.01 15.62
CA LYS D 129 37.82 25.43 14.83
C LYS D 129 37.83 23.91 14.95
N ASN D 130 37.88 23.22 13.82
CA ASN D 130 37.86 21.76 13.80
C ASN D 130 36.57 21.08 14.27
N LYS D 131 35.51 21.84 14.55
CA LYS D 131 34.31 21.18 15.03
C LYS D 131 33.12 21.66 14.18
N ILE D 132 33.03 22.97 13.97
CA ILE D 132 31.96 23.53 13.15
C ILE D 132 32.45 24.53 12.09
N GLU D 133 32.37 24.13 10.83
CA GLU D 133 32.83 24.94 9.72
C GLU D 133 31.66 25.40 8.85
N VAL D 134 31.72 26.64 8.39
CA VAL D 134 30.69 27.16 7.49
C VAL D 134 31.32 27.39 6.13
N PHE D 135 30.60 27.01 5.09
CA PHE D 135 31.12 27.10 3.75
C PHE D 135 30.06 27.65 2.81
N TYR D 136 30.49 28.58 1.96
CA TYR D 136 29.65 29.17 0.93
C TYR D 136 30.02 28.55 -0.43
N PRO D 137 29.16 27.67 -0.97
CA PRO D 137 29.49 26.98 -2.22
C PRO D 137 29.18 27.82 -3.47
N GLY D 138 28.49 28.94 -3.28
CA GLY D 138 28.01 29.75 -4.37
C GLY D 138 26.49 29.73 -4.33
N PRO D 139 25.84 30.63 -5.09
CA PRO D 139 24.38 30.72 -5.05
C PRO D 139 23.73 29.42 -5.52
N GLY D 140 22.53 29.15 -5.03
CA GLY D 140 21.76 27.98 -5.40
C GLY D 140 20.29 28.25 -5.08
N HIS D 141 19.79 27.60 -4.05
CA HIS D 141 18.44 27.88 -3.54
C HIS D 141 18.23 29.38 -3.29
N THR D 142 19.26 30.04 -2.74
CA THR D 142 19.31 31.49 -2.57
C THR D 142 20.74 31.97 -2.83
N PRO D 143 20.95 33.30 -2.94
CA PRO D 143 22.30 33.84 -3.14
C PRO D 143 23.21 33.63 -1.94
N ASP D 144 22.61 33.56 -0.74
CA ASP D 144 23.39 33.54 0.50
C ASP D 144 23.53 32.17 1.13
N ASN D 145 22.93 31.14 0.53
CA ASN D 145 22.89 29.86 1.21
C ASN D 145 24.28 29.34 1.54
N VAL D 146 24.45 28.92 2.78
CA VAL D 146 25.71 28.33 3.23
C VAL D 146 25.46 26.96 3.85
N VAL D 147 26.51 26.17 3.93
CA VAL D 147 26.37 24.87 4.54
C VAL D 147 27.29 24.81 5.73
N VAL D 148 27.04 23.82 6.57
CA VAL D 148 27.78 23.67 7.80
C VAL D 148 28.37 22.27 7.83
N TRP D 149 29.66 22.19 8.14
CA TRP D 149 30.39 20.94 8.06
C TRP D 149 30.89 20.53 9.45
N LEU D 150 30.62 19.30 9.86
CA LEU D 150 31.11 18.82 11.15
C LEU D 150 32.19 17.77 10.94
N PRO D 151 33.45 18.22 10.89
CA PRO D 151 34.61 17.40 10.53
C PRO D 151 34.82 16.14 11.39
N GLU D 152 34.56 16.20 12.69
CA GLU D 152 34.77 15.02 13.53
C GLU D 152 33.85 13.87 13.19
N ARG D 153 32.67 14.19 12.69
CA ARG D 153 31.67 13.17 12.46
C ARG D 153 31.40 12.99 10.96
N LYS D 154 32.06 13.81 10.16
CA LYS D 154 31.82 13.83 8.72
C LYS D 154 30.36 14.05 8.37
N ILE D 155 29.73 14.99 9.08
CA ILE D 155 28.34 15.33 8.80
C ILE D 155 28.21 16.70 8.12
N LEU D 156 27.44 16.75 7.05
CA LEU D 156 27.18 18.00 6.36
C LEU D 156 25.72 18.41 6.43
N PHE D 157 25.46 19.56 7.04
CA PHE D 157 24.13 20.15 6.96
C PHE D 157 24.06 21.02 5.72
N GLY D 158 23.25 20.60 4.75
CA GLY D 158 23.17 21.28 3.46
C GLY D 158 22.07 22.31 3.39
N GLY D 159 21.17 22.30 4.37
CA GLY D 159 20.05 23.23 4.40
C GLY D 159 19.19 23.11 3.16
N CYS D 160 18.65 24.22 2.69
CA CYS D 160 17.74 24.17 1.55
C CYS D 160 18.50 24.17 0.22
N PHE D 161 19.82 24.11 0.30
CA PHE D 161 20.65 23.99 -0.89
C PHE D 161 20.59 22.58 -1.43
N ILE D 162 20.53 21.61 -0.52
CA ILE D 162 20.45 20.19 -0.88
C ILE D 162 19.02 19.82 -1.27
N LYS D 163 18.81 19.52 -2.55
CA LYS D 163 17.47 19.29 -3.09
C LYS D 163 17.51 18.07 -4.00
N PRO D 164 17.68 16.87 -3.41
CA PRO D 164 17.93 15.65 -4.17
C PRO D 164 16.74 15.23 -5.01
N TYR D 165 15.54 15.53 -4.54
CA TYR D 165 14.31 15.07 -5.18
C TYR D 165 13.53 16.22 -5.80
N GLY D 166 14.24 17.23 -6.30
CA GLY D 166 13.60 18.40 -6.86
C GLY D 166 14.06 19.68 -6.18
N LEU D 167 14.14 20.77 -6.97
CA LEU D 167 14.75 22.02 -6.52
C LEU D 167 13.84 22.83 -5.57
N GLY D 168 12.57 22.47 -5.50
CA GLY D 168 11.64 23.17 -4.64
C GLY D 168 11.33 24.60 -5.05
N ASN D 169 11.07 25.45 -4.07
CA ASN D 169 10.67 26.83 -4.33
C ASN D 169 11.83 27.67 -4.91
N LEU D 170 11.64 28.16 -6.15
CA LEU D 170 12.71 28.88 -6.84
C LEU D 170 12.55 30.41 -6.78
N GLY D 171 11.69 30.87 -5.87
CA GLY D 171 11.41 32.29 -5.73
C GLY D 171 12.64 33.20 -5.65
N ASP D 172 13.67 32.75 -4.95
CA ASP D 172 14.89 33.54 -4.78
C ASP D 172 16.12 32.85 -5.38
N ALA D 173 15.90 31.80 -6.16
CA ALA D 173 17.01 30.97 -6.61
C ALA D 173 17.84 31.54 -7.77
N ASN D 174 19.02 30.96 -7.94
CA ASN D 174 19.90 31.21 -9.07
C ASN D 174 20.12 29.88 -9.81
N ILE D 175 19.27 29.60 -10.79
CA ILE D 175 19.32 28.30 -11.47
C ILE D 175 20.60 28.16 -12.30
N GLU D 176 21.08 29.29 -12.82
CA GLU D 176 22.31 29.32 -13.60
C GLU D 176 23.54 28.98 -12.78
N ALA D 177 23.58 29.40 -11.52
CA ALA D 177 24.78 29.24 -10.71
C ALA D 177 24.77 27.94 -9.89
N TRP D 178 23.57 27.43 -9.64
CA TRP D 178 23.38 26.29 -8.75
C TRP D 178 24.20 25.04 -9.14
N PRO D 179 24.25 24.70 -10.44
CA PRO D 179 25.05 23.53 -10.83
C PRO D 179 26.53 23.67 -10.46
N LYS D 180 27.11 24.83 -10.74
CA LYS D 180 28.51 25.05 -10.39
C LYS D 180 28.66 24.98 -8.87
N SER D 181 27.72 25.62 -8.18
CA SER D 181 27.73 25.62 -6.72
C SER D 181 27.66 24.19 -6.18
N ALA D 182 26.83 23.34 -6.83
CA ALA D 182 26.69 21.95 -6.41
C ALA D 182 27.92 21.09 -6.73
N LYS D 183 28.54 21.32 -7.88
CA LYS D 183 29.75 20.57 -8.25
C LYS D 183 30.82 20.88 -7.21
N LEU D 184 30.97 22.15 -6.89
CA LEU D 184 31.93 22.61 -5.88
C LEU D 184 31.64 21.99 -4.51
N LEU D 185 30.36 21.92 -4.14
CA LEU D 185 29.97 21.32 -2.87
C LEU D 185 30.30 19.84 -2.89
N LYS D 186 29.91 19.22 -4.00
CA LYS D 186 30.17 17.81 -4.22
C LYS D 186 31.68 17.55 -4.13
N SER D 187 32.45 18.45 -4.72
CA SER D 187 33.91 18.34 -4.71
C SER D 187 34.44 18.35 -3.30
N LYS D 188 34.00 19.35 -2.53
CA LYS D 188 34.56 19.61 -1.22
C LYS D 188 34.15 18.55 -0.19
N TYR D 189 32.98 17.95 -0.37
CA TYR D 189 32.45 17.07 0.68
C TYR D 189 32.07 15.66 0.20
N GLY D 190 32.75 15.19 -0.86
CA GLY D 190 32.50 13.87 -1.40
C GLY D 190 32.62 12.76 -0.37
N LYS D 191 33.44 13.00 0.65
CA LYS D 191 33.67 12.00 1.69
C LYS D 191 32.73 12.16 2.88
N ALA D 192 31.65 12.91 2.69
CA ALA D 192 30.65 13.09 3.75
C ALA D 192 30.04 11.75 4.19
N LYS D 193 29.99 11.51 5.50
CA LYS D 193 29.34 10.31 6.01
C LYS D 193 27.82 10.49 5.99
N LEU D 194 27.35 11.68 6.39
CA LEU D 194 25.92 11.98 6.42
C LEU D 194 25.60 13.34 5.82
N VAL D 195 24.54 13.41 5.03
CA VAL D 195 24.10 14.69 4.51
C VAL D 195 22.66 14.98 4.96
N VAL D 196 22.46 16.14 5.55
CA VAL D 196 21.15 16.53 6.06
C VAL D 196 20.52 17.65 5.26
N PRO D 197 19.48 17.34 4.46
CA PRO D 197 18.75 18.39 3.75
C PRO D 197 17.76 19.04 4.68
N SER D 198 17.14 20.14 4.24
CA SER D 198 16.17 20.84 5.04
C SER D 198 14.79 20.19 5.09
N HIS D 199 14.32 19.68 3.96
CA HIS D 199 12.90 19.32 3.84
C HIS D 199 12.66 17.87 3.41
N SER D 200 13.71 17.05 3.46
CA SER D 200 13.57 15.65 3.15
C SER D 200 14.55 14.89 4.01
N GLU D 201 14.52 13.59 3.89
CA GLU D 201 15.20 12.73 4.84
C GLU D 201 16.72 12.74 4.72
N VAL D 202 17.39 12.40 5.82
CA VAL D 202 18.82 12.25 5.87
C VAL D 202 19.35 11.16 4.94
N GLY D 203 20.45 11.45 4.25
CA GLY D 203 21.14 10.46 3.42
C GLY D 203 22.65 10.51 3.63
N ASP D 204 23.40 9.93 2.69
CA ASP D 204 24.87 10.05 2.72
C ASP D 204 25.33 10.89 1.54
N ALA D 205 26.62 10.76 1.21
CA ALA D 205 27.26 11.60 0.19
C ALA D 205 26.54 11.52 -1.15
N SER D 206 25.72 10.50 -1.34
CA SER D 206 24.97 10.39 -2.59
C SER D 206 23.98 11.56 -2.75
N LEU D 207 23.53 12.14 -1.64
CA LEU D 207 22.62 13.28 -1.73
C LEU D 207 23.24 14.48 -2.48
N LEU D 208 24.56 14.63 -2.41
CA LEU D 208 25.24 15.72 -3.10
C LEU D 208 25.22 15.49 -4.60
N LYS D 209 25.41 14.23 -4.99
CA LYS D 209 25.35 13.86 -6.39
C LYS D 209 23.96 14.16 -6.92
N LEU D 210 22.94 13.70 -6.20
CA LEU D 210 21.57 13.88 -6.64
C LEU D 210 21.22 15.37 -6.75
N THR D 211 21.68 16.15 -5.78
CA THR D 211 21.45 17.59 -5.79
C THR D 211 22.09 18.24 -7.02
N LEU D 212 23.32 17.82 -7.34
CA LEU D 212 23.97 18.30 -8.55
C LEU D 212 23.12 18.01 -9.78
N GLU D 213 22.63 16.77 -9.86
CA GLU D 213 21.82 16.33 -11.00
C GLU D 213 20.52 17.13 -11.11
N GLN D 214 19.87 17.38 -9.97
CA GLN D 214 18.61 18.11 -9.94
C GLN D 214 18.79 19.55 -10.42
N ALA D 215 19.94 20.13 -10.07
CA ALA D 215 20.29 21.49 -10.44
C ALA D 215 20.50 21.60 -11.94
N VAL D 216 21.30 20.66 -12.47
CA VAL D 216 21.55 20.59 -13.90
C VAL D 216 20.25 20.46 -14.68
N LYS D 217 19.42 19.49 -14.30
CA LYS D 217 18.14 19.28 -14.97
C LYS D 217 17.20 20.47 -14.78
N GLY D 218 17.31 21.13 -13.64
CA GLY D 218 16.46 22.26 -13.37
C GLY D 218 16.90 23.40 -14.27
N LEU D 219 18.21 23.45 -14.53
CA LEU D 219 18.77 24.48 -15.39
C LEU D 219 18.38 24.31 -16.85
N ASN D 220 18.50 23.09 -17.36
CA ASN D 220 18.13 22.82 -18.75
C ASN D 220 16.64 23.12 -18.98
N GLU D 221 15.79 22.66 -18.08
CA GLU D 221 14.35 22.93 -18.17
C GLU D 221 13.99 24.42 -18.22
N SER D 222 14.87 25.26 -17.72
CA SER D 222 14.65 26.70 -17.73
C SER D 222 15.00 27.28 -19.10
N LYS D 223 15.51 26.41 -19.97
CA LYS D 223 15.96 26.79 -21.31
C LYS D 223 15.21 26.04 -22.40
ZN ZN E . 6.17 1.21 4.80
ZN ZN F . 8.54 3.27 3.24
O 3R9 G . 10.00 4.13 7.17
N 3R9 G . 7.81 5.72 4.98
C 3R9 G . 9.53 4.39 6.05
OXT 3R9 G . 9.47 3.69 5.01
CA 3R9 G . 8.93 5.80 5.94
CB 3R9 G . 10.03 6.75 5.43
SAH 3R9 G . 9.39 7.56 3.93
CAM 3R9 G . 7.67 6.89 4.16
CAF 3R9 G . 6.82 7.85 4.97
SAG 3R9 G . 5.70 6.82 5.96
CAJ 3R9 G . 6.55 5.23 5.46
CAD 3R9 G . 5.68 4.58 4.35
SAC 3R9 G . 6.53 3.15 3.73
O 3R9 H . -12.22 -5.30 1.49
N 3R9 H . -13.84 -2.95 -0.75
C 3R9 H . -12.80 -4.87 0.49
OXT 3R9 H . -12.96 -5.52 -0.55
CA 3R9 H . -13.41 -3.33 0.56
CB 3R9 H . -12.34 -2.35 0.89
SAH 3R9 H . -11.68 -1.73 -0.66
CAM 3R9 H . -12.74 -2.81 -1.64
CAF 3R9 H . -13.20 -2.20 -2.94
SAG 3R9 H . -14.55 -1.21 -2.59
CAJ 3R9 H . -14.89 -1.99 -0.95
CAD 3R9 H . -16.28 -2.65 -1.00
SAC 3R9 H . -17.63 -1.46 -1.48
ZN ZN I . -6.62 -40.41 -6.52
ZN ZN J . -3.84 -38.31 -7.23
O 3R9 K . -5.06 -41.76 -6.44
N 3R9 K . -6.08 -41.84 -8.90
C 3R9 K . -4.82 -42.84 -7.03
OXT 3R9 K . -4.08 -43.79 -6.71
CA 3R9 K . -5.55 -43.12 -8.36
CB 3R9 K . -6.72 -44.01 -8.10
SAH 3R9 K . -7.72 -43.75 -9.54
CAM 3R9 K . -7.33 -41.97 -9.64
CAF 3R9 K . -7.08 -41.58 -11.10
SAG 3R9 K . -5.27 -41.39 -11.28
CAJ 3R9 K . -5.19 -40.89 -9.50
CAD 3R9 K . -5.73 -39.45 -9.42
SAC 3R9 K . -5.62 -38.94 -7.72
C1 EDO L . -7.60 -26.26 -13.12
O1 EDO L . -6.81 -26.49 -11.95
C2 EDO L . -8.97 -26.91 -12.92
O2 EDO L . -9.97 -25.95 -12.58
H11 EDO L . -7.72 -25.20 -13.28
H12 EDO L . -7.11 -26.70 -13.99
HO1 EDO L . -5.94 -26.09 -12.05
H21 EDO L . -9.26 -27.43 -13.83
H22 EDO L . -8.90 -27.66 -12.12
HO2 EDO L . -10.81 -26.40 -12.46
C1 EDO M . -4.01 -17.04 -10.37
O1 EDO M . -2.62 -17.44 -10.29
C2 EDO M . -4.88 -18.21 -9.96
O2 EDO M . -5.42 -18.87 -11.10
H11 EDO M . -4.19 -16.19 -9.72
H12 EDO M . -4.25 -16.75 -11.40
HO1 EDO M . -2.05 -16.71 -10.55
H21 EDO M . -4.29 -18.92 -9.36
H22 EDO M . -5.70 -17.85 -9.33
HO2 EDO M . -5.98 -19.61 -10.82
C1 EDO N . 2.95 -18.73 -10.33
O1 EDO N . 3.15 -17.38 -9.73
C2 EDO N . 3.93 -19.68 -9.64
O2 EDO N . 3.37 -21.07 -9.56
H11 EDO N . 1.92 -19.07 -10.16
H12 EDO N . 3.15 -18.70 -11.40
HO1 EDO N . 2.54 -16.75 -10.15
H21 EDO N . 4.87 -19.70 -10.18
H22 EDO N . 4.14 -19.32 -8.63
HO2 EDO N . 4.00 -21.65 -9.12
S DMS O . -16.06 -28.10 12.76
O DMS O . -14.72 -28.63 13.22
C1 DMS O . -16.65 -29.09 11.37
C2 DMS O . -17.39 -28.71 13.84
H11 DMS O . -15.99 -28.96 10.55
H12 DMS O . -17.62 -28.78 11.09
H13 DMS O . -16.67 -30.11 11.65
H21 DMS O . -17.34 -29.77 13.87
H22 DMS O . -18.32 -28.41 13.44
H23 DMS O . -17.26 -28.32 14.81
ZN ZN P . -15.01 8.09 -4.33
ZN ZN Q . -17.78 5.72 -4.21
O 3R9 R . -17.18 5.00 -2.45
N 3R9 R . -16.12 3.55 -4.65
C 3R9 R . -16.58 3.96 -2.16
OXT 3R9 R . -16.23 3.59 -1.03
CA 3R9 R . -16.22 2.88 -3.32
CB 3R9 R . -17.33 1.81 -3.39
SAH 3R9 R . -17.77 1.54 -5.12
CAM 3R9 R . -16.48 2.69 -5.77
CAF 3R9 R . -15.23 1.88 -6.19
SAG 3R9 R . -13.77 2.77 -5.52
CAJ 3R9 R . -14.90 4.24 -4.94
CAD 3R9 R . -15.03 5.26 -6.09
SAC 3R9 R . -16.21 6.58 -5.62
C1 EDO S . -3.77 10.73 -5.58
O1 EDO S . -4.57 11.92 -5.63
C2 EDO S . -4.65 9.50 -5.39
O2 EDO S . -5.15 9.04 -6.65
H11 EDO S . -3.20 10.63 -6.51
H12 EDO S . -3.06 10.80 -4.76
HO1 EDO S . -4.00 12.69 -5.75
H21 EDO S . -4.07 8.71 -4.90
H22 EDO S . -5.48 9.76 -4.73
HO2 EDO S . -5.70 8.26 -6.51
S DMS T . -14.10 23.11 0.14
O DMS T . -13.06 22.08 -0.22
C1 DMS T . -13.24 24.57 0.75
C2 DMS T . -14.96 23.73 -1.33
H11 DMS T . -12.73 24.33 1.65
H12 DMS T . -13.93 25.35 0.93
H13 DMS T . -12.53 24.89 0.03
H21 DMS T . -15.51 22.94 -1.78
H22 DMS T . -14.25 24.10 -2.03
H23 DMS T . -15.62 24.50 -1.05
NA NA U . -35.51 22.13 -6.94
CL CL V . -19.44 -2.04 -1.75
ZN ZN W . 14.85 28.79 1.84
ZN ZN X . 13.49 25.70 2.53
O 3R9 Y . 13.30 25.23 0.37
N 3R9 Y . 10.90 26.25 1.35
C 3R9 Y . 12.37 25.33 -0.46
OXT 3R9 Y . 12.47 25.35 -1.70
CA 3R9 Y . 10.89 25.43 0.10
CB 3R9 Y . 10.36 24.03 0.43
SAH 3R9 Y . 9.29 24.19 1.90
CAM 3R9 Y . 9.92 25.88 2.35
CAF 3R9 Y . 8.78 26.90 2.29
SAG 3R9 Y . 9.26 28.14 1.04
CAJ 3R9 Y . 11.03 27.67 1.23
CAD 3R9 Y . 11.49 28.41 2.52
SAC 3R9 Y . 12.92 27.61 3.19
C1 EDO Z . -3.40 19.23 -2.34
O1 EDO Z . -3.65 20.62 -2.60
C2 EDO Z . -2.97 18.54 -3.63
O2 EDO Z . -2.48 17.22 -3.34
H11 EDO Z . -2.61 19.14 -1.59
H12 EDO Z . -4.30 18.77 -1.94
HO1 EDO Z . -3.92 21.06 -1.77
H21 EDO Z . -3.83 18.46 -4.30
H22 EDO Z . -2.20 19.12 -4.12
HO2 EDO Z . -2.21 16.79 -4.15
#